data_1OPI
#
_entry.id   1OPI
#
_cell.length_a   1.000
_cell.length_b   1.000
_cell.length_c   1.000
_cell.angle_alpha   90.00
_cell.angle_beta   90.00
_cell.angle_gamma   90.00
#
_symmetry.space_group_name_H-M   'P 1'
#
loop_
_entity.id
_entity.type
_entity.pdbx_description
1 polymer 'SPLICING FACTOR U2AF 65 KDA SUBUNIT'
2 polymer 'SPLICING FACTOR SF1'
#
loop_
_entity_poly.entity_id
_entity_poly.type
_entity_poly.pdbx_seq_one_letter_code
_entity_poly.pdbx_strand_id
1 'polypeptide(L)'
;GHPTEVLCLMNMVLPEELLDDEEYEEIVEDVRDECSKYGLVKSIEIPRPVDGVEVPGCGKIFVEFTSVFDCQKAMQGLTG
RKFANRVVVTKYCDPDSYHRRDFW
;
A
2 'polypeptide(L)' PSKKRKRSRWNQD B
#
# COMPACT_ATOMS: atom_id res chain seq x y z
N GLY A 1 -12.01 7.32 12.88
CA GLY A 1 -11.15 8.33 12.30
C GLY A 1 -11.92 9.33 11.46
N HIS A 2 -11.69 9.29 10.15
CA HIS A 2 -12.37 10.20 9.22
C HIS A 2 -12.04 9.83 7.77
N PRO A 3 -13.05 9.37 7.00
CA PRO A 3 -12.85 8.99 5.60
C PRO A 3 -12.57 10.20 4.72
N THR A 4 -11.56 10.08 3.85
CA THR A 4 -11.20 11.16 2.95
C THR A 4 -11.43 10.77 1.50
N GLU A 5 -10.61 9.87 0.98
CA GLU A 5 -10.76 9.42 -0.41
C GLU A 5 -9.75 8.33 -0.77
N VAL A 6 -8.47 8.52 -0.40
CA VAL A 6 -7.46 7.52 -0.71
C VAL A 6 -7.04 6.73 0.52
N LEU A 7 -6.63 5.49 0.31
CA LEU A 7 -6.22 4.62 1.41
C LEU A 7 -4.74 4.74 1.70
N CYS A 8 -4.36 4.48 2.95
CA CYS A 8 -2.96 4.56 3.37
C CYS A 8 -2.44 3.19 3.78
N LEU A 9 -1.19 2.91 3.46
CA LEU A 9 -0.58 1.63 3.79
C LEU A 9 0.81 1.82 4.42
N MET A 10 0.87 1.70 5.74
CA MET A 10 2.12 1.86 6.47
C MET A 10 2.53 0.57 7.17
N ASN A 11 3.77 0.53 7.63
CA ASN A 11 4.30 -0.65 8.33
C ASN A 11 4.19 -1.90 7.47
N MET A 12 4.69 -1.82 6.23
CA MET A 12 4.65 -2.95 5.32
C MET A 12 5.58 -2.74 4.13
N VAL A 13 6.47 -1.76 4.24
CA VAL A 13 7.42 -1.45 3.18
C VAL A 13 8.69 -0.83 3.73
N LEU A 14 9.83 -1.44 3.40
CA LEU A 14 11.13 -0.94 3.85
C LEU A 14 11.92 -0.38 2.67
N PRO A 15 12.81 0.60 2.92
CA PRO A 15 13.61 1.22 1.86
C PRO A 15 14.56 0.22 1.19
N GLU A 16 14.89 -0.85 1.91
CA GLU A 16 15.76 -1.88 1.39
C GLU A 16 15.00 -2.81 0.45
N GLU A 17 13.70 -2.60 0.35
CA GLU A 17 12.85 -3.41 -0.51
C GLU A 17 12.35 -2.59 -1.70
N LEU A 18 12.06 -1.32 -1.47
CA LEU A 18 11.58 -0.44 -2.53
C LEU A 18 12.75 0.12 -3.34
N LEU A 19 13.77 -0.70 -3.50
CA LEU A 19 14.96 -0.31 -4.26
C LEU A 19 15.27 -1.32 -5.35
N ASP A 20 14.66 -2.51 -5.24
CA ASP A 20 14.85 -3.57 -6.22
C ASP A 20 13.71 -3.58 -7.23
N ASP A 21 14.01 -3.98 -8.46
CA ASP A 21 13.00 -4.04 -9.52
C ASP A 21 12.04 -5.21 -9.31
N GLU A 22 12.55 -6.28 -8.70
CA GLU A 22 11.74 -7.47 -8.44
C GLU A 22 10.79 -7.23 -7.28
N GLU A 23 11.33 -6.69 -6.19
CA GLU A 23 10.53 -6.40 -5.00
C GLU A 23 9.47 -5.34 -5.30
N TYR A 24 9.87 -4.29 -6.00
CA TYR A 24 8.97 -3.21 -6.35
C TYR A 24 7.76 -3.74 -7.13
N GLU A 25 8.02 -4.37 -8.26
CA GLU A 25 6.95 -4.91 -9.09
C GLU A 25 6.08 -5.89 -8.32
N GLU A 26 6.67 -6.53 -7.31
CA GLU A 26 5.96 -7.50 -6.48
C GLU A 26 4.95 -6.81 -5.57
N ILE A 27 5.35 -5.68 -4.98
CA ILE A 27 4.48 -4.95 -4.08
C ILE A 27 3.39 -4.20 -4.84
N VAL A 28 3.79 -3.39 -5.81
CA VAL A 28 2.84 -2.61 -6.61
C VAL A 28 1.76 -3.50 -7.22
N GLU A 29 2.16 -4.62 -7.81
CA GLU A 29 1.21 -5.54 -8.43
C GLU A 29 0.27 -6.16 -7.40
N ASP A 30 0.84 -6.86 -6.43
CA ASP A 30 0.04 -7.51 -5.39
C ASP A 30 -0.89 -6.52 -4.70
N VAL A 31 -0.31 -5.46 -4.14
CA VAL A 31 -1.08 -4.43 -3.46
C VAL A 31 -2.23 -3.91 -4.32
N ARG A 32 -2.01 -3.88 -5.64
CA ARG A 32 -3.02 -3.40 -6.57
C ARG A 32 -4.18 -4.40 -6.68
N ASP A 33 -3.85 -5.64 -7.06
CA ASP A 33 -4.86 -6.68 -7.20
C ASP A 33 -5.66 -6.86 -5.92
N GLU A 34 -5.00 -6.67 -4.78
CA GLU A 34 -5.64 -6.82 -3.48
C GLU A 34 -6.59 -5.65 -3.20
N CYS A 35 -6.09 -4.44 -3.45
CA CYS A 35 -6.90 -3.24 -3.22
C CYS A 35 -8.11 -3.20 -4.14
N SER A 36 -8.01 -3.90 -5.28
CA SER A 36 -9.10 -3.94 -6.25
C SER A 36 -10.05 -5.10 -5.95
N LYS A 37 -10.17 -5.44 -4.67
CA LYS A 37 -11.04 -6.53 -4.25
C LYS A 37 -12.20 -6.01 -3.42
N TYR A 38 -12.06 -4.78 -2.92
CA TYR A 38 -13.10 -4.16 -2.11
C TYR A 38 -13.80 -3.07 -2.91
N GLY A 39 -13.19 -2.66 -4.02
CA GLY A 39 -13.78 -1.62 -4.85
C GLY A 39 -12.90 -1.27 -6.04
N LEU A 40 -12.83 0.02 -6.34
CA LEU A 40 -12.03 0.50 -7.46
C LEU A 40 -10.86 1.35 -6.98
N VAL A 41 -9.67 1.06 -7.49
CA VAL A 41 -8.47 1.82 -7.12
C VAL A 41 -7.88 2.54 -8.34
N LYS A 42 -7.90 3.87 -8.28
CA LYS A 42 -7.39 4.69 -9.37
C LYS A 42 -5.93 4.35 -9.69
N SER A 43 -5.06 4.54 -8.71
CA SER A 43 -3.64 4.25 -8.89
C SER A 43 -2.97 3.92 -7.56
N ILE A 44 -1.65 3.85 -7.57
CA ILE A 44 -0.88 3.55 -6.36
C ILE A 44 0.44 4.32 -6.36
N GLU A 45 0.71 5.01 -5.24
CA GLU A 45 1.94 5.78 -5.11
C GLU A 45 2.87 5.15 -4.08
N ILE A 46 3.95 4.55 -4.55
CA ILE A 46 4.92 3.91 -3.69
C ILE A 46 6.34 4.42 -3.97
N PRO A 47 6.92 5.23 -3.05
CA PRO A 47 8.27 5.77 -3.24
C PRO A 47 9.30 4.72 -3.66
N ARG A 48 10.27 5.15 -4.45
CA ARG A 48 11.32 4.27 -4.93
C ARG A 48 12.66 5.01 -4.96
N PRO A 49 13.26 5.22 -3.77
CA PRO A 49 14.55 5.92 -3.65
C PRO A 49 15.58 5.41 -4.64
N VAL A 50 16.02 6.30 -5.54
CA VAL A 50 17.01 5.93 -6.54
C VAL A 50 18.39 5.80 -5.94
N ASP A 51 18.78 4.56 -5.62
CA ASP A 51 20.08 4.30 -5.03
C ASP A 51 20.20 5.06 -3.72
N GLY A 52 19.03 5.41 -3.17
CA GLY A 52 18.98 6.17 -1.94
C GLY A 52 18.66 7.62 -2.20
N VAL A 53 17.93 7.87 -3.29
CA VAL A 53 17.58 9.23 -3.67
C VAL A 53 16.45 9.79 -2.79
N GLU A 54 15.49 8.94 -2.44
CA GLU A 54 14.36 9.35 -1.63
C GLU A 54 14.24 8.53 -0.35
N VAL A 55 15.38 8.17 0.22
CA VAL A 55 15.40 7.39 1.46
C VAL A 55 14.87 8.18 2.65
N PRO A 56 15.29 9.45 2.78
CA PRO A 56 14.84 10.32 3.87
C PRO A 56 13.36 10.63 3.74
N GLY A 57 12.54 9.65 4.11
CA GLY A 57 11.10 9.79 4.03
C GLY A 57 10.45 8.52 3.54
N CYS A 58 11.27 7.62 2.97
CA CYS A 58 10.78 6.35 2.45
C CYS A 58 10.30 5.46 3.60
N GLY A 59 9.31 4.61 3.32
CA GLY A 59 8.79 3.72 4.34
C GLY A 59 7.27 3.73 4.40
N LYS A 60 6.65 4.71 3.76
CA LYS A 60 5.20 4.82 3.75
C LYS A 60 4.66 4.89 2.32
N ILE A 61 3.72 4.00 2.00
CA ILE A 61 3.13 3.97 0.67
C ILE A 61 1.61 3.92 0.77
N PHE A 62 0.93 4.02 -0.35
CA PHE A 62 -0.53 4.01 -0.35
C PHE A 62 -1.11 3.87 -1.75
N VAL A 63 -2.44 3.92 -1.83
CA VAL A 63 -3.14 3.80 -3.11
C VAL A 63 -4.25 4.84 -3.24
N GLU A 64 -4.41 5.38 -4.44
CA GLU A 64 -5.43 6.37 -4.71
C GLU A 64 -6.75 5.68 -5.02
N PHE A 65 -7.68 5.76 -4.09
CA PHE A 65 -8.98 5.12 -4.26
C PHE A 65 -9.97 6.06 -4.95
N THR A 66 -11.10 5.50 -5.37
CA THR A 66 -12.13 6.27 -6.07
C THR A 66 -13.19 6.78 -5.10
N SER A 67 -13.66 5.90 -4.22
CA SER A 67 -14.69 6.26 -3.26
C SER A 67 -14.30 5.80 -1.85
N VAL A 68 -14.71 6.58 -0.85
CA VAL A 68 -14.42 6.27 0.54
C VAL A 68 -15.24 5.08 1.03
N PHE A 69 -16.25 4.70 0.25
CA PHE A 69 -17.11 3.58 0.61
C PHE A 69 -16.31 2.30 0.62
N ASP A 70 -15.65 2.02 -0.49
CA ASP A 70 -14.83 0.82 -0.62
C ASP A 70 -13.54 1.00 0.16
N CYS A 71 -13.08 2.25 0.26
CA CYS A 71 -11.87 2.57 0.98
C CYS A 71 -12.01 2.21 2.45
N GLN A 72 -13.24 2.31 2.95
CA GLN A 72 -13.54 2.00 4.34
C GLN A 72 -13.64 0.49 4.54
N LYS A 73 -14.40 -0.16 3.66
CA LYS A 73 -14.57 -1.61 3.74
C LYS A 73 -13.27 -2.33 3.43
N ALA A 74 -12.29 -1.60 2.92
CA ALA A 74 -10.99 -2.16 2.57
C ALA A 74 -10.05 -2.11 3.77
N MET A 75 -9.85 -0.91 4.31
CA MET A 75 -8.97 -0.72 5.45
C MET A 75 -9.49 -1.48 6.67
N GLN A 76 -10.80 -1.64 6.75
CA GLN A 76 -11.43 -2.35 7.85
C GLN A 76 -11.08 -3.83 7.82
N GLY A 77 -10.59 -4.28 6.66
CA GLY A 77 -10.22 -5.67 6.51
C GLY A 77 -8.73 -5.87 6.36
N LEU A 78 -8.00 -4.76 6.22
CA LEU A 78 -6.56 -4.81 6.06
C LEU A 78 -5.85 -4.60 7.40
N THR A 79 -6.57 -4.00 8.35
CA THR A 79 -6.02 -3.73 9.67
C THR A 79 -6.01 -5.01 10.52
N GLY A 80 -4.83 -5.36 11.03
CA GLY A 80 -4.70 -6.54 11.85
C GLY A 80 -4.05 -7.70 11.11
N ARG A 81 -3.95 -7.56 9.79
CA ARG A 81 -3.34 -8.59 8.96
C ARG A 81 -1.82 -8.58 9.11
N LYS A 82 -1.11 -9.02 8.07
CA LYS A 82 0.35 -9.05 8.11
C LYS A 82 0.94 -9.13 6.71
N PHE A 83 1.69 -8.09 6.33
CA PHE A 83 2.31 -8.04 5.01
C PHE A 83 3.25 -9.23 4.81
N ALA A 84 3.93 -9.62 5.89
CA ALA A 84 4.85 -10.76 5.85
C ALA A 84 5.13 -11.29 7.24
N ASN A 85 5.48 -10.38 8.15
CA ASN A 85 5.77 -10.76 9.53
C ASN A 85 5.61 -9.56 10.46
N ARG A 86 4.78 -8.60 10.04
CA ARG A 86 4.53 -7.41 10.84
C ARG A 86 3.12 -6.89 10.57
N VAL A 87 2.41 -6.55 11.64
CA VAL A 87 1.05 -6.06 11.52
C VAL A 87 0.99 -4.81 10.64
N VAL A 88 0.14 -4.86 9.63
CA VAL A 88 -0.01 -3.74 8.70
C VAL A 88 -0.84 -2.63 9.33
N VAL A 89 -0.33 -1.40 9.23
CA VAL A 89 -1.01 -0.24 9.77
C VAL A 89 -1.66 0.59 8.67
N THR A 90 -2.91 0.27 8.33
CA THR A 90 -3.63 0.99 7.29
C THR A 90 -4.40 2.17 7.87
N LYS A 91 -4.46 3.26 7.12
CA LYS A 91 -5.16 4.46 7.55
C LYS A 91 -5.81 5.18 6.38
N TYR A 92 -6.18 6.44 6.60
CA TYR A 92 -6.82 7.24 5.56
C TYR A 92 -5.90 8.41 5.16
N CYS A 93 -5.96 8.79 3.88
CA CYS A 93 -5.13 9.87 3.38
C CYS A 93 -5.93 10.80 2.47
N ASP A 94 -5.56 12.08 2.45
CA ASP A 94 -6.23 13.08 1.64
C ASP A 94 -5.73 13.04 0.19
N PRO A 95 -6.64 12.97 -0.79
CA PRO A 95 -6.28 12.95 -2.21
C PRO A 95 -5.37 14.11 -2.59
N ASP A 96 -5.58 15.25 -1.95
CA ASP A 96 -4.79 16.44 -2.23
C ASP A 96 -3.32 16.19 -1.90
N SER A 97 -3.05 15.84 -0.65
CA SER A 97 -1.69 15.56 -0.22
C SER A 97 -1.07 14.46 -1.06
N TYR A 98 -1.91 13.51 -1.48
CA TYR A 98 -1.46 12.40 -2.31
C TYR A 98 -0.86 12.92 -3.61
N HIS A 99 -1.61 13.78 -4.29
CA HIS A 99 -1.18 14.35 -5.55
C HIS A 99 0.19 15.01 -5.42
N ARG A 100 0.36 15.81 -4.38
CA ARG A 100 1.63 16.51 -4.14
C ARG A 100 2.63 15.60 -3.46
N ARG A 101 2.22 14.37 -3.15
CA ARG A 101 3.09 13.41 -2.48
C ARG A 101 3.57 13.96 -1.15
N ASP A 102 2.83 14.95 -0.62
CA ASP A 102 3.17 15.57 0.65
C ASP A 102 3.25 14.53 1.76
N PHE A 103 2.66 13.37 1.52
CA PHE A 103 2.67 12.27 2.50
C PHE A 103 1.93 12.68 3.77
N TRP A 104 0.73 12.13 3.94
CA TRP A 104 -0.09 12.43 5.10
C TRP A 104 -0.31 11.18 5.95
N PRO B 1 -4.76 -11.27 -15.07
CA PRO B 1 -4.33 -10.80 -13.75
C PRO B 1 -3.82 -11.94 -12.87
N SER B 2 -2.53 -11.88 -12.53
CA SER B 2 -1.91 -12.89 -11.69
C SER B 2 -1.76 -12.40 -10.26
N LYS B 3 -0.97 -13.12 -9.47
CA LYS B 3 -0.73 -12.76 -8.07
C LYS B 3 -2.05 -12.64 -7.32
N LYS B 4 -2.88 -13.68 -7.41
CA LYS B 4 -4.17 -13.69 -6.73
C LYS B 4 -4.24 -14.81 -5.71
N ARG B 5 -3.63 -15.95 -6.02
CA ARG B 5 -3.62 -17.09 -5.12
C ARG B 5 -2.31 -17.87 -5.25
N LYS B 6 -1.34 -17.52 -4.42
CA LYS B 6 -0.04 -18.19 -4.43
C LYS B 6 0.73 -17.89 -3.15
N ARG B 7 0.90 -16.60 -2.85
CA ARG B 7 1.62 -16.18 -1.66
C ARG B 7 0.79 -15.21 -0.83
N SER B 8 0.35 -15.66 0.34
CA SER B 8 -0.44 -14.82 1.23
C SER B 8 0.36 -13.61 1.70
N ARG B 9 -0.18 -12.43 1.49
CA ARG B 9 0.49 -11.19 1.90
C ARG B 9 -0.26 -10.51 3.03
N TRP B 10 -1.22 -11.21 3.63
CA TRP B 10 -2.01 -10.68 4.73
C TRP B 10 -2.28 -11.74 5.78
N ASN B 11 -1.21 -12.37 6.25
CA ASN B 11 -1.31 -13.42 7.27
C ASN B 11 -1.47 -12.81 8.66
N GLN B 12 -1.11 -13.58 9.68
CA GLN B 12 -1.20 -13.11 11.06
C GLN B 12 -0.48 -14.06 12.01
N ASP B 13 -0.59 -15.36 11.73
CA ASP B 13 0.06 -16.38 12.56
C ASP B 13 1.15 -17.10 11.78
N GLY A 1 -11.12 7.83 12.83
CA GLY A 1 -11.69 7.44 11.55
C GLY A 1 -12.42 8.59 10.88
N HIS A 2 -12.30 8.65 9.55
CA HIS A 2 -12.93 9.69 8.77
C HIS A 2 -12.68 9.44 7.28
N PRO A 3 -13.66 8.83 6.58
CA PRO A 3 -13.53 8.53 5.15
C PRO A 3 -13.35 9.77 4.30
N THR A 4 -12.32 9.77 3.46
CA THR A 4 -12.04 10.90 2.59
C THR A 4 -12.15 10.50 1.12
N GLU A 5 -11.19 9.68 0.66
CA GLU A 5 -11.20 9.23 -0.73
C GLU A 5 -10.07 8.23 -1.00
N VAL A 6 -8.86 8.54 -0.53
CA VAL A 6 -7.72 7.65 -0.74
C VAL A 6 -7.26 7.04 0.57
N LEU A 7 -6.56 5.91 0.48
CA LEU A 7 -6.08 5.23 1.68
C LEU A 7 -4.56 5.09 1.67
N CYS A 8 -3.96 5.19 2.85
CA CYS A 8 -2.51 5.08 2.98
C CYS A 8 -2.12 3.81 3.72
N LEU A 9 -1.08 3.14 3.22
CA LEU A 9 -0.61 1.91 3.83
C LEU A 9 0.79 2.11 4.43
N MET A 10 0.87 1.98 5.76
CA MET A 10 2.14 2.13 6.46
C MET A 10 2.56 0.82 7.13
N ASN A 11 3.84 0.73 7.48
CA ASN A 11 4.37 -0.47 8.13
C ASN A 11 4.09 -1.71 7.28
N MET A 12 4.04 -1.52 5.97
CA MET A 12 3.78 -2.62 5.04
C MET A 12 4.99 -2.87 4.14
N VAL A 13 5.67 -1.80 3.78
CA VAL A 13 6.84 -1.90 2.90
C VAL A 13 8.10 -1.40 3.60
N LEU A 14 9.22 -2.03 3.28
CA LEU A 14 10.50 -1.66 3.86
C LEU A 14 11.44 -1.15 2.77
N PRO A 15 12.32 -0.19 3.09
CA PRO A 15 13.26 0.38 2.11
C PRO A 15 14.25 -0.66 1.59
N GLU A 16 14.34 -1.79 2.30
CA GLU A 16 15.24 -2.87 1.90
C GLU A 16 14.53 -3.83 0.95
N GLU A 17 13.29 -3.51 0.62
CA GLU A 17 12.49 -4.33 -0.28
C GLU A 17 12.15 -3.58 -1.55
N LEU A 18 11.92 -2.27 -1.42
CA LEU A 18 11.58 -1.44 -2.56
C LEU A 18 12.85 -0.95 -3.25
N LEU A 19 13.85 -1.80 -3.31
CA LEU A 19 15.12 -1.46 -3.95
C LEU A 19 15.47 -2.44 -5.05
N ASP A 20 14.83 -3.60 -5.03
CA ASP A 20 15.07 -4.64 -6.04
C ASP A 20 14.08 -4.49 -7.19
N ASP A 21 14.41 -5.08 -8.33
CA ASP A 21 13.54 -5.00 -9.50
C ASP A 21 12.35 -5.94 -9.38
N GLU A 22 12.63 -7.19 -9.04
CA GLU A 22 11.58 -8.20 -8.90
C GLU A 22 10.79 -8.00 -7.60
N GLU A 23 11.51 -7.63 -6.54
CA GLU A 23 10.88 -7.42 -5.23
C GLU A 23 9.90 -6.25 -5.27
N TYR A 24 10.36 -5.11 -5.76
CA TYR A 24 9.52 -3.92 -5.85
C TYR A 24 8.32 -4.16 -6.75
N GLU A 25 8.56 -4.78 -7.91
CA GLU A 25 7.50 -5.06 -8.85
C GLU A 25 6.40 -5.90 -8.20
N GLU A 26 6.80 -6.78 -7.29
CA GLU A 26 5.85 -7.64 -6.59
C GLU A 26 5.09 -6.85 -5.53
N ILE A 27 5.73 -5.80 -5.00
CA ILE A 27 5.11 -4.97 -3.97
C ILE A 27 3.89 -4.24 -4.53
N VAL A 28 4.08 -3.52 -5.63
CA VAL A 28 2.99 -2.78 -6.25
C VAL A 28 1.95 -3.73 -6.86
N GLU A 29 2.42 -4.87 -7.35
CA GLU A 29 1.53 -5.85 -7.96
C GLU A 29 0.60 -6.48 -6.92
N ASP A 30 1.10 -6.67 -5.71
CA ASP A 30 0.31 -7.27 -4.64
C ASP A 30 -0.68 -6.26 -4.07
N VAL A 31 -0.23 -5.02 -3.87
CA VAL A 31 -1.07 -3.97 -3.33
C VAL A 31 -2.21 -3.61 -4.29
N ARG A 32 -1.94 -3.73 -5.59
CA ARG A 32 -2.94 -3.42 -6.61
C ARG A 32 -4.02 -4.48 -6.66
N ASP A 33 -3.61 -5.74 -6.83
CA ASP A 33 -4.55 -6.85 -6.90
C ASP A 33 -5.36 -6.96 -5.61
N GLU A 34 -4.79 -6.47 -4.51
CA GLU A 34 -5.45 -6.51 -3.22
C GLU A 34 -6.52 -5.43 -3.12
N CYS A 35 -6.09 -4.18 -3.30
CA CYS A 35 -7.02 -3.05 -3.24
C CYS A 35 -8.15 -3.20 -4.25
N SER A 36 -7.89 -3.99 -5.29
CA SER A 36 -8.87 -4.23 -6.34
C SER A 36 -9.74 -5.44 -6.03
N LYS A 37 -9.87 -5.77 -4.74
CA LYS A 37 -10.67 -6.91 -4.32
C LYS A 37 -11.92 -6.45 -3.56
N TYR A 38 -11.89 -5.21 -3.10
CA TYR A 38 -13.01 -4.64 -2.35
C TYR A 38 -13.74 -3.61 -3.20
N GLY A 39 -13.14 -3.23 -4.33
CA GLY A 39 -13.75 -2.27 -5.21
C GLY A 39 -12.81 -1.83 -6.32
N LEU A 40 -12.83 -0.54 -6.64
CA LEU A 40 -11.98 -0.01 -7.70
C LEU A 40 -10.93 0.95 -7.14
N VAL A 41 -9.72 0.85 -7.66
CA VAL A 41 -8.62 1.71 -7.23
C VAL A 41 -8.04 2.47 -8.43
N LYS A 42 -8.21 3.80 -8.42
CA LYS A 42 -7.71 4.64 -9.50
C LYS A 42 -6.28 4.27 -9.87
N SER A 43 -5.36 4.48 -8.93
CA SER A 43 -3.96 4.18 -9.14
C SER A 43 -3.25 3.91 -7.81
N ILE A 44 -1.93 3.75 -7.87
CA ILE A 44 -1.15 3.50 -6.66
C ILE A 44 0.24 4.13 -6.78
N GLU A 45 0.66 4.80 -5.71
CA GLU A 45 1.97 5.44 -5.68
C GLU A 45 2.85 4.79 -4.61
N ILE A 46 3.91 4.13 -5.06
CA ILE A 46 4.83 3.44 -4.16
C ILE A 46 6.28 3.79 -4.49
N PRO A 47 6.91 4.68 -3.69
CA PRO A 47 8.31 5.09 -3.92
C PRO A 47 9.25 3.93 -4.18
N ARG A 48 10.38 4.24 -4.83
CA ARG A 48 11.37 3.23 -5.16
C ARG A 48 12.77 3.85 -5.09
N PRO A 49 13.32 4.00 -3.86
CA PRO A 49 14.64 4.59 -3.67
C PRO A 49 15.68 4.04 -4.63
N VAL A 50 16.26 4.93 -5.44
CA VAL A 50 17.27 4.53 -6.41
C VAL A 50 18.61 4.27 -5.75
N ASP A 51 18.90 3.00 -5.49
CA ASP A 51 20.15 2.62 -4.85
C ASP A 51 20.27 3.35 -3.53
N GLY A 52 19.12 3.79 -3.03
CA GLY A 52 19.07 4.53 -1.79
C GLY A 52 18.87 6.01 -2.03
N VAL A 53 18.06 6.34 -3.04
CA VAL A 53 17.80 7.73 -3.39
C VAL A 53 16.59 8.29 -2.63
N GLU A 54 15.46 7.61 -2.73
CA GLU A 54 14.24 8.05 -2.07
C GLU A 54 14.08 7.43 -0.69
N VAL A 55 15.21 7.23 -0.01
CA VAL A 55 15.21 6.67 1.34
C VAL A 55 14.57 7.61 2.36
N PRO A 56 14.88 8.90 2.28
CA PRO A 56 14.34 9.91 3.19
C PRO A 56 12.83 10.06 3.02
N GLY A 57 12.09 9.14 3.61
CA GLY A 57 10.64 9.15 3.50
C GLY A 57 10.09 7.80 3.09
N CYS A 58 11.00 6.90 2.70
CA CYS A 58 10.61 5.56 2.27
C CYS A 58 9.97 4.79 3.43
N GLY A 59 9.29 3.69 3.10
CA GLY A 59 8.66 2.88 4.12
C GLY A 59 7.17 3.15 4.25
N LYS A 60 6.67 4.11 3.48
CA LYS A 60 5.26 4.46 3.51
C LYS A 60 4.72 4.67 2.10
N ILE A 61 3.76 3.83 1.70
CA ILE A 61 3.16 3.93 0.38
C ILE A 61 1.65 4.04 0.50
N PHE A 62 0.96 4.33 -0.60
CA PHE A 62 -0.49 4.50 -0.56
C PHE A 62 -1.15 4.20 -1.91
N VAL A 63 -2.47 4.26 -1.93
CA VAL A 63 -3.24 4.00 -3.14
C VAL A 63 -4.38 5.01 -3.30
N GLU A 64 -4.63 5.39 -4.55
CA GLU A 64 -5.69 6.34 -4.86
C GLU A 64 -6.97 5.58 -5.18
N PHE A 65 -7.96 5.67 -4.29
CA PHE A 65 -9.22 4.98 -4.47
C PHE A 65 -10.22 5.81 -5.28
N THR A 66 -11.35 5.19 -5.61
CA THR A 66 -12.39 5.85 -6.37
C THR A 66 -13.54 6.30 -5.46
N SER A 67 -13.94 5.43 -4.54
CA SER A 67 -15.01 5.73 -3.61
C SER A 67 -14.62 5.35 -2.18
N VAL A 68 -15.16 6.08 -1.21
CA VAL A 68 -14.87 5.82 0.20
C VAL A 68 -15.61 4.60 0.70
N PHE A 69 -16.45 4.01 -0.15
CA PHE A 69 -17.23 2.84 0.23
C PHE A 69 -16.34 1.61 0.21
N ASP A 70 -15.65 1.43 -0.91
CA ASP A 70 -14.74 0.29 -1.05
C ASP A 70 -13.45 0.57 -0.30
N CYS A 71 -13.11 1.85 -0.20
CA CYS A 71 -11.90 2.26 0.51
C CYS A 71 -12.01 1.89 1.98
N GLN A 72 -13.19 2.13 2.55
CA GLN A 72 -13.45 1.81 3.95
C GLN A 72 -13.43 0.31 4.17
N LYS A 73 -14.14 -0.42 3.32
CA LYS A 73 -14.19 -1.87 3.44
C LYS A 73 -12.86 -2.51 3.06
N ALA A 74 -11.95 -1.70 2.51
CA ALA A 74 -10.63 -2.17 2.10
C ALA A 74 -9.70 -2.26 3.30
N MET A 75 -9.42 -1.12 3.91
CA MET A 75 -8.53 -1.07 5.07
C MET A 75 -9.13 -1.83 6.25
N GLN A 76 -10.46 -1.93 6.26
CA GLN A 76 -11.15 -2.63 7.33
C GLN A 76 -10.70 -4.08 7.42
N GLY A 77 -10.25 -4.62 6.29
CA GLY A 77 -9.79 -5.99 6.26
C GLY A 77 -8.28 -6.10 6.19
N LEU A 78 -7.61 -4.94 6.09
CA LEU A 78 -6.16 -4.91 6.03
C LEU A 78 -5.55 -4.59 7.40
N THR A 79 -6.39 -4.10 8.31
CA THR A 79 -5.94 -3.76 9.65
C THR A 79 -5.75 -5.01 10.51
N GLY A 80 -4.66 -5.03 11.26
CA GLY A 80 -4.38 -6.18 12.12
C GLY A 80 -3.65 -7.29 11.39
N ARG A 81 -3.62 -7.20 10.06
CA ARG A 81 -2.94 -8.21 9.25
C ARG A 81 -1.42 -8.07 9.35
N LYS A 82 -0.71 -8.72 8.43
CA LYS A 82 0.74 -8.67 8.41
C LYS A 82 1.28 -8.89 7.00
N PHE A 83 1.92 -7.88 6.44
CA PHE A 83 2.47 -7.98 5.09
C PHE A 83 3.49 -9.10 5.00
N ALA A 84 4.29 -9.26 6.06
CA ALA A 84 5.30 -10.30 6.10
C ALA A 84 5.67 -10.65 7.54
N ASN A 85 5.96 -9.63 8.33
CA ASN A 85 6.34 -9.83 9.73
C ASN A 85 6.14 -8.55 10.54
N ARG A 86 5.27 -7.68 10.04
CA ARG A 86 4.99 -6.41 10.71
C ARG A 86 3.51 -6.06 10.57
N VAL A 87 2.88 -5.71 11.69
CA VAL A 87 1.46 -5.36 11.68
C VAL A 87 1.17 -4.29 10.62
N VAL A 88 0.02 -4.42 9.97
CA VAL A 88 -0.37 -3.46 8.94
C VAL A 88 -1.03 -2.22 9.55
N VAL A 89 -0.39 -1.07 9.34
CA VAL A 89 -0.90 0.18 9.87
C VAL A 89 -1.62 0.97 8.78
N THR A 90 -2.95 0.85 8.76
CA THR A 90 -3.76 1.55 7.77
C THR A 90 -4.18 2.92 8.27
N LYS A 91 -4.08 3.92 7.40
CA LYS A 91 -4.46 5.28 7.76
C LYS A 91 -5.05 6.01 6.57
N TYR A 92 -6.28 6.49 6.71
CA TYR A 92 -6.96 7.21 5.64
C TYR A 92 -6.15 8.43 5.20
N CYS A 93 -6.38 8.87 3.96
CA CYS A 93 -5.66 10.02 3.43
C CYS A 93 -6.57 10.85 2.52
N ASP A 94 -6.39 12.17 2.58
CA ASP A 94 -7.19 13.09 1.76
C ASP A 94 -6.50 13.36 0.43
N PRO A 95 -7.29 13.42 -0.67
CA PRO A 95 -6.74 13.67 -2.01
C PRO A 95 -5.93 14.95 -2.06
N ASP A 96 -6.15 15.84 -1.11
CA ASP A 96 -5.44 17.11 -1.04
C ASP A 96 -3.94 16.87 -0.82
N SER A 97 -3.58 16.58 0.43
CA SER A 97 -2.19 16.33 0.78
C SER A 97 -1.61 15.17 -0.04
N TYR A 98 -2.47 14.21 -0.37
CA TYR A 98 -2.04 13.06 -1.15
C TYR A 98 -1.42 13.51 -2.47
N HIS A 99 -2.18 14.30 -3.24
CA HIS A 99 -1.70 14.81 -4.51
C HIS A 99 -0.46 15.66 -4.31
N ARG A 100 -0.36 16.28 -3.13
CA ARG A 100 0.78 17.11 -2.79
C ARG A 100 2.02 16.25 -2.56
N ARG A 101 1.80 14.97 -2.27
CA ARG A 101 2.89 14.04 -2.03
C ARG A 101 3.77 14.51 -0.87
N ASP A 102 3.13 14.74 0.26
CA ASP A 102 3.84 15.20 1.45
C ASP A 102 4.89 14.16 1.89
N PHE A 103 4.73 12.94 1.39
CA PHE A 103 5.66 11.86 1.72
C PHE A 103 6.91 11.94 0.86
N TRP A 104 6.89 11.28 -0.29
CA TRP A 104 8.02 11.27 -1.21
C TRP A 104 9.23 10.57 -0.59
N PRO B 1 -2.28 -19.41 -1.96
CA PRO B 1 -1.21 -19.79 -2.89
C PRO B 1 -0.40 -18.61 -3.38
N SER B 2 -1.02 -17.43 -3.39
CA SER B 2 -0.35 -16.20 -3.83
C SER B 2 0.20 -16.36 -5.25
N LYS B 3 1.48 -16.68 -5.36
CA LYS B 3 2.13 -16.86 -6.65
C LYS B 3 3.39 -17.70 -6.53
N LYS B 4 3.99 -17.68 -5.34
CA LYS B 4 5.22 -18.42 -5.08
C LYS B 4 5.00 -19.48 -4.00
N ARG B 5 3.93 -19.32 -3.23
CA ARG B 5 3.61 -20.25 -2.16
C ARG B 5 4.75 -20.35 -1.15
N LYS B 6 5.58 -19.32 -1.10
CA LYS B 6 6.71 -19.29 -0.18
C LYS B 6 6.83 -17.93 0.49
N ARG B 7 5.68 -17.34 0.85
CA ARG B 7 5.66 -16.04 1.51
C ARG B 7 4.30 -15.79 2.13
N SER B 8 3.26 -15.75 1.30
CA SER B 8 1.89 -15.53 1.76
C SER B 8 1.76 -14.17 2.45
N ARG B 9 1.19 -13.21 1.74
CA ARG B 9 1.00 -11.87 2.28
C ARG B 9 -0.25 -11.81 3.16
N TRP B 10 -0.32 -10.81 4.03
CA TRP B 10 -1.47 -10.64 4.92
C TRP B 10 -1.67 -11.87 5.79
N ASN B 11 -1.06 -11.87 6.97
CA ASN B 11 -1.17 -12.99 7.89
C ASN B 11 -1.65 -12.52 9.26
N GLN B 12 -2.61 -13.25 9.82
CA GLN B 12 -3.17 -12.90 11.13
C GLN B 12 -3.99 -14.06 11.70
N ASP B 13 -3.94 -14.22 13.02
CA ASP B 13 -4.68 -15.28 13.68
C ASP B 13 -5.17 -14.82 15.05
N GLY A 1 -10.38 8.91 12.00
CA GLY A 1 -9.87 8.76 10.65
C GLY A 1 -10.68 9.56 9.64
N HIS A 2 -11.99 9.41 9.68
CA HIS A 2 -12.89 10.11 8.76
C HIS A 2 -12.69 9.63 7.33
N PRO A 3 -13.79 9.41 6.58
CA PRO A 3 -13.70 8.94 5.20
C PRO A 3 -13.47 10.08 4.22
N THR A 4 -12.30 10.08 3.59
CA THR A 4 -11.95 11.12 2.63
C THR A 4 -12.13 10.62 1.20
N GLU A 5 -11.19 9.80 0.72
CA GLU A 5 -11.29 9.27 -0.64
C GLU A 5 -10.17 8.27 -0.95
N VAL A 6 -8.93 8.56 -0.54
CA VAL A 6 -7.82 7.65 -0.82
C VAL A 6 -7.39 6.90 0.43
N LEU A 7 -6.71 5.76 0.23
CA LEU A 7 -6.25 4.94 1.34
C LEU A 7 -4.75 5.10 1.58
N CYS A 8 -4.35 4.94 2.84
CA CYS A 8 -2.95 5.06 3.22
C CYS A 8 -2.48 3.79 3.91
N LEU A 9 -1.29 3.33 3.54
CA LEU A 9 -0.72 2.12 4.12
C LEU A 9 0.72 2.34 4.57
N MET A 10 0.96 2.15 5.87
CA MET A 10 2.30 2.33 6.41
C MET A 10 2.75 1.11 7.22
N ASN A 11 4.03 1.08 7.57
CA ASN A 11 4.60 -0.02 8.35
C ASN A 11 4.33 -1.36 7.67
N MET A 12 4.49 -1.40 6.35
CA MET A 12 4.28 -2.62 5.59
C MET A 12 5.23 -2.70 4.39
N VAL A 13 6.18 -1.77 4.35
CA VAL A 13 7.16 -1.72 3.27
C VAL A 13 8.51 -1.23 3.78
N LEU A 14 9.54 -2.06 3.60
CA LEU A 14 10.88 -1.69 4.02
C LEU A 14 11.66 -1.06 2.87
N PRO A 15 12.53 -0.09 3.16
CA PRO A 15 13.31 0.59 2.12
C PRO A 15 14.30 -0.36 1.44
N GLU A 16 14.58 -1.48 2.11
CA GLU A 16 15.49 -2.47 1.56
C GLU A 16 14.74 -3.46 0.68
N GLU A 17 13.44 -3.19 0.47
CA GLU A 17 12.61 -4.05 -0.36
C GLU A 17 12.15 -3.32 -1.61
N LEU A 18 11.86 -2.02 -1.46
CA LEU A 18 11.42 -1.21 -2.58
C LEU A 18 12.61 -0.70 -3.39
N LEU A 19 13.60 -1.57 -3.58
CA LEU A 19 14.80 -1.22 -4.32
C LEU A 19 15.08 -2.24 -5.42
N ASP A 20 14.65 -3.49 -5.20
CA ASP A 20 14.86 -4.55 -6.16
C ASP A 20 13.86 -4.44 -7.31
N ASP A 21 14.20 -5.08 -8.44
CA ASP A 21 13.33 -5.05 -9.62
C ASP A 21 12.11 -5.94 -9.44
N GLU A 22 12.34 -7.19 -9.05
CA GLU A 22 11.26 -8.15 -8.86
C GLU A 22 10.51 -7.87 -7.56
N GLU A 23 11.25 -7.47 -6.53
CA GLU A 23 10.64 -7.17 -5.23
C GLU A 23 9.65 -6.01 -5.34
N TYR A 24 10.14 -4.85 -5.77
CA TYR A 24 9.30 -3.67 -5.92
C TYR A 24 8.11 -3.95 -6.83
N GLU A 25 8.38 -4.54 -7.99
CA GLU A 25 7.32 -4.85 -8.94
C GLU A 25 6.26 -5.72 -8.30
N GLU A 26 6.67 -6.53 -7.33
CA GLU A 26 5.74 -7.42 -6.62
C GLU A 26 4.93 -6.63 -5.59
N ILE A 27 5.52 -5.56 -5.08
CA ILE A 27 4.85 -4.72 -4.08
C ILE A 27 3.61 -4.06 -4.68
N VAL A 28 3.79 -3.36 -5.78
CA VAL A 28 2.68 -2.69 -6.45
C VAL A 28 1.66 -3.68 -6.99
N GLU A 29 2.16 -4.76 -7.60
CA GLU A 29 1.29 -5.79 -8.17
C GLU A 29 0.34 -6.37 -7.12
N ASP A 30 0.93 -6.91 -6.05
CA ASP A 30 0.14 -7.51 -4.97
C ASP A 30 -0.82 -6.50 -4.35
N VAL A 31 -0.31 -5.31 -4.05
CA VAL A 31 -1.13 -4.26 -3.45
C VAL A 31 -2.27 -3.84 -4.37
N ARG A 32 -2.05 -3.97 -5.68
CA ARG A 32 -3.07 -3.59 -6.66
C ARG A 32 -4.19 -4.62 -6.69
N ASP A 33 -3.84 -5.89 -6.89
CA ASP A 33 -4.83 -6.96 -6.94
C ASP A 33 -5.60 -7.07 -5.63
N GLU A 34 -4.91 -6.85 -4.52
CA GLU A 34 -5.53 -6.93 -3.20
C GLU A 34 -6.48 -5.74 -2.96
N CYS A 35 -5.98 -4.54 -3.20
CA CYS A 35 -6.77 -3.33 -3.01
C CYS A 35 -7.98 -3.31 -3.96
N SER A 36 -7.83 -3.98 -5.10
CA SER A 36 -8.89 -4.03 -6.10
C SER A 36 -9.81 -5.24 -5.86
N LYS A 37 -9.97 -5.62 -4.59
CA LYS A 37 -10.83 -6.75 -4.24
C LYS A 37 -12.02 -6.27 -3.44
N TYR A 38 -11.93 -5.06 -2.91
CA TYR A 38 -13.01 -4.47 -2.13
C TYR A 38 -13.78 -3.46 -2.97
N GLY A 39 -13.19 -3.06 -4.08
CA GLY A 39 -13.83 -2.10 -4.96
C GLY A 39 -12.94 -1.71 -6.13
N LEU A 40 -12.92 -0.43 -6.45
CA LEU A 40 -12.12 0.07 -7.56
C LEU A 40 -11.00 0.97 -7.06
N VAL A 41 -9.81 0.82 -7.66
CA VAL A 41 -8.66 1.63 -7.28
C VAL A 41 -8.10 2.35 -8.51
N LYS A 42 -8.22 3.67 -8.53
CA LYS A 42 -7.72 4.48 -9.65
C LYS A 42 -6.27 4.14 -9.98
N SER A 43 -5.41 4.25 -8.97
CA SER A 43 -3.99 3.96 -9.16
C SER A 43 -3.30 3.73 -7.83
N ILE A 44 -1.97 3.62 -7.86
CA ILE A 44 -1.19 3.41 -6.64
C ILE A 44 0.17 4.09 -6.74
N GLU A 45 0.56 4.76 -5.65
CA GLU A 45 1.85 5.45 -5.61
C GLU A 45 2.72 4.85 -4.52
N ILE A 46 3.76 4.12 -4.93
CA ILE A 46 4.68 3.48 -4.00
C ILE A 46 6.12 3.92 -4.25
N PRO A 47 6.68 4.79 -3.39
CA PRO A 47 8.05 5.28 -3.52
C PRO A 47 9.04 4.19 -3.90
N ARG A 48 10.12 4.59 -4.57
CA ARG A 48 11.15 3.66 -5.00
C ARG A 48 12.53 4.32 -4.93
N PRO A 49 13.08 4.44 -3.71
CA PRO A 49 14.40 5.07 -3.49
C PRO A 49 15.45 4.56 -4.47
N VAL A 50 16.13 5.50 -5.14
CA VAL A 50 17.15 5.14 -6.09
C VAL A 50 18.46 4.81 -5.39
N ASP A 51 18.72 3.50 -5.23
CA ASP A 51 19.92 3.04 -4.56
C ASP A 51 19.96 3.63 -3.16
N GLY A 52 18.78 3.98 -2.67
CA GLY A 52 18.65 4.58 -1.38
C GLY A 52 18.53 6.09 -1.48
N VAL A 53 17.87 6.55 -2.53
CA VAL A 53 17.71 7.99 -2.76
C VAL A 53 16.50 8.56 -2.01
N GLU A 54 15.33 7.97 -2.22
CA GLU A 54 14.11 8.42 -1.58
C GLU A 54 13.88 7.73 -0.24
N VAL A 55 14.97 7.44 0.46
CA VAL A 55 14.88 6.80 1.76
C VAL A 55 14.25 7.71 2.81
N PRO A 56 14.62 9.00 2.82
CA PRO A 56 14.08 9.98 3.76
C PRO A 56 12.61 10.23 3.51
N GLY A 57 11.78 9.28 3.94
CA GLY A 57 10.35 9.37 3.75
C GLY A 57 9.76 8.05 3.29
N CYS A 58 10.63 7.15 2.83
CA CYS A 58 10.21 5.84 2.37
C CYS A 58 9.62 5.02 3.51
N GLY A 59 8.96 3.91 3.17
CA GLY A 59 8.36 3.06 4.16
C GLY A 59 6.86 3.25 4.27
N LYS A 60 6.35 4.27 3.59
CA LYS A 60 4.92 4.57 3.61
C LYS A 60 4.40 4.73 2.18
N ILE A 61 3.53 3.82 1.77
CA ILE A 61 2.96 3.86 0.43
C ILE A 61 1.44 3.93 0.51
N PHE A 62 0.80 4.27 -0.60
CA PHE A 62 -0.66 4.42 -0.61
C PHE A 62 -1.26 4.13 -1.97
N VAL A 63 -2.59 4.13 -2.01
CA VAL A 63 -3.33 3.88 -3.24
C VAL A 63 -4.44 4.91 -3.43
N GLU A 64 -4.68 5.30 -4.67
CA GLU A 64 -5.72 6.26 -4.99
C GLU A 64 -7.02 5.52 -5.25
N PHE A 65 -7.97 5.67 -4.34
CA PHE A 65 -9.26 5.00 -4.45
C PHE A 65 -10.26 5.84 -5.25
N THR A 66 -11.48 5.32 -5.38
CA THR A 66 -12.53 6.00 -6.12
C THR A 66 -13.63 6.50 -5.18
N SER A 67 -14.01 5.65 -4.23
CA SER A 67 -15.04 6.00 -3.26
C SER A 67 -14.66 5.53 -1.86
N VAL A 68 -15.14 6.25 -0.85
CA VAL A 68 -14.83 5.90 0.54
C VAL A 68 -15.60 4.67 0.98
N PHE A 69 -16.53 4.22 0.16
CA PHE A 69 -17.33 3.05 0.48
C PHE A 69 -16.47 1.79 0.48
N ASP A 70 -15.78 1.58 -0.64
CA ASP A 70 -14.90 0.44 -0.78
C ASP A 70 -13.57 0.71 -0.08
N CYS A 71 -13.23 1.99 0.03
CA CYS A 71 -11.99 2.38 0.69
C CYS A 71 -12.06 2.05 2.18
N GLN A 72 -13.25 2.18 2.75
CA GLN A 72 -13.47 1.88 4.16
C GLN A 72 -13.51 0.37 4.38
N LYS A 73 -14.27 -0.32 3.55
CA LYS A 73 -14.39 -1.78 3.66
C LYS A 73 -13.05 -2.44 3.33
N ALA A 74 -12.15 -1.67 2.73
CA ALA A 74 -10.83 -2.18 2.37
C ALA A 74 -9.88 -2.14 3.57
N MET A 75 -9.71 -0.95 4.14
CA MET A 75 -8.83 -0.77 5.28
C MET A 75 -9.25 -1.66 6.45
N GLN A 76 -10.56 -1.96 6.50
CA GLN A 76 -11.10 -2.80 7.57
C GLN A 76 -10.47 -4.19 7.54
N GLY A 77 -10.00 -4.59 6.36
CA GLY A 77 -9.38 -5.89 6.22
C GLY A 77 -7.87 -5.80 6.14
N LEU A 78 -7.35 -4.59 6.00
CA LEU A 78 -5.90 -4.39 5.91
C LEU A 78 -5.33 -4.00 7.27
N THR A 79 -6.20 -3.68 8.22
CA THR A 79 -5.77 -3.29 9.55
C THR A 79 -5.67 -4.52 10.47
N GLY A 80 -4.44 -4.85 10.86
CA GLY A 80 -4.24 -6.00 11.73
C GLY A 80 -3.68 -7.19 10.98
N ARG A 81 -3.06 -6.94 9.83
CA ARG A 81 -2.48 -8.01 9.02
C ARG A 81 -0.96 -7.96 9.08
N LYS A 82 -0.31 -8.62 8.12
CA LYS A 82 1.14 -8.66 8.07
C LYS A 82 1.64 -8.81 6.63
N PHE A 83 2.05 -7.68 6.04
CA PHE A 83 2.55 -7.69 4.67
C PHE A 83 3.81 -8.55 4.56
N ALA A 84 4.68 -8.44 5.56
CA ALA A 84 5.92 -9.20 5.58
C ALA A 84 6.37 -9.46 7.01
N ASN A 85 5.55 -10.20 7.77
CA ASN A 85 5.86 -10.51 9.15
C ASN A 85 5.97 -9.24 9.99
N ARG A 86 5.03 -8.33 9.80
CA ARG A 86 5.02 -7.07 10.54
C ARG A 86 3.64 -6.42 10.49
N VAL A 87 3.17 -5.94 11.63
CA VAL A 87 1.87 -5.30 11.72
C VAL A 87 1.72 -4.20 10.66
N VAL A 88 0.51 -4.09 10.11
CA VAL A 88 0.24 -3.08 9.08
C VAL A 88 -0.75 -2.03 9.59
N VAL A 89 -0.33 -0.76 9.52
CA VAL A 89 -1.17 0.34 9.97
C VAL A 89 -1.77 1.08 8.76
N THR A 90 -3.04 0.81 8.47
CA THR A 90 -3.71 1.45 7.36
C THR A 90 -4.74 2.47 7.83
N LYS A 91 -4.63 3.69 7.30
CA LYS A 91 -5.55 4.77 7.66
C LYS A 91 -6.07 5.47 6.41
N TYR A 92 -6.84 6.53 6.61
CA TYR A 92 -7.39 7.30 5.51
C TYR A 92 -6.47 8.46 5.13
N CYS A 93 -6.59 8.92 3.88
CA CYS A 93 -5.78 10.03 3.41
C CYS A 93 -6.58 10.95 2.48
N ASP A 94 -6.44 12.25 2.70
CA ASP A 94 -7.15 13.24 1.90
C ASP A 94 -6.43 13.51 0.58
N PRO A 95 -7.19 13.64 -0.53
CA PRO A 95 -6.62 13.90 -1.86
C PRO A 95 -5.73 15.14 -1.87
N ASP A 96 -5.89 15.98 -0.85
CA ASP A 96 -5.10 17.21 -0.75
C ASP A 96 -3.62 16.88 -0.56
N SER A 97 -3.30 16.27 0.58
CA SER A 97 -1.93 15.91 0.89
C SER A 97 -1.45 14.79 -0.04
N TYR A 98 -2.40 13.95 -0.47
CA TYR A 98 -2.07 12.86 -1.37
C TYR A 98 -1.46 13.39 -2.66
N HIS A 99 -2.20 14.26 -3.34
CA HIS A 99 -1.73 14.87 -4.57
C HIS A 99 -0.47 15.68 -4.30
N ARG A 100 -0.35 16.16 -3.06
CA ARG A 100 0.80 16.93 -2.64
C ARG A 100 2.05 16.07 -2.62
N ARG A 101 1.85 14.75 -2.44
CA ARG A 101 2.95 13.82 -2.39
C ARG A 101 3.93 14.19 -1.28
N ASP A 102 3.38 14.77 -0.20
CA ASP A 102 4.19 15.17 0.95
C ASP A 102 5.22 14.11 1.30
N PHE A 103 4.83 12.84 1.15
CA PHE A 103 5.73 11.73 1.45
C PHE A 103 6.76 11.55 0.34
N TRP A 104 6.27 11.29 -0.87
CA TRP A 104 7.13 11.11 -2.04
C TRP A 104 7.97 9.84 -1.91
N PRO B 1 11.41 -17.75 -10.71
CA PRO B 1 10.60 -18.59 -9.82
C PRO B 1 9.58 -17.78 -9.04
N SER B 2 9.27 -16.59 -9.53
CA SER B 2 8.30 -15.71 -8.88
C SER B 2 6.88 -16.20 -9.11
N LYS B 3 5.97 -15.78 -8.23
CA LYS B 3 4.56 -16.18 -8.33
C LYS B 3 4.42 -17.70 -8.35
N LYS B 4 4.88 -18.35 -7.29
CA LYS B 4 4.82 -19.80 -7.19
C LYS B 4 4.10 -20.23 -5.91
N ARG B 5 4.24 -19.40 -4.87
CA ARG B 5 3.61 -19.69 -3.58
C ARG B 5 2.14 -19.29 -3.60
N LYS B 6 1.40 -19.73 -2.59
CA LYS B 6 -0.02 -19.43 -2.48
C LYS B 6 -0.25 -18.23 -1.55
N ARG B 7 0.50 -18.18 -0.46
CA ARG B 7 0.40 -17.10 0.51
C ARG B 7 1.32 -15.95 0.13
N SER B 8 0.72 -14.83 -0.30
CA SER B 8 1.50 -13.66 -0.69
C SER B 8 0.99 -12.42 0.04
N ARG B 9 1.83 -11.88 0.93
CA ARG B 9 1.49 -10.69 1.70
C ARG B 9 0.27 -10.93 2.58
N TRP B 10 0.09 -10.06 3.58
CA TRP B 10 -1.04 -10.16 4.50
C TRP B 10 -1.09 -11.55 5.14
N ASN B 11 -0.43 -11.70 6.28
CA ASN B 11 -0.39 -12.97 6.99
C ASN B 11 -1.44 -13.01 8.11
N GLN B 12 -1.43 -14.10 8.88
CA GLN B 12 -2.37 -14.26 9.98
C GLN B 12 -3.81 -14.16 9.49
N ASP B 13 -4.01 -14.47 8.21
CA ASP B 13 -5.35 -14.42 7.61
C ASP B 13 -5.54 -15.57 6.62
N GLY A 1 -11.41 7.64 12.23
CA GLY A 1 -10.89 8.98 12.12
C GLY A 1 -11.76 9.86 11.23
N HIS A 2 -11.55 9.75 9.92
CA HIS A 2 -12.31 10.54 8.96
C HIS A 2 -12.17 9.95 7.55
N PRO A 3 -13.27 9.91 6.77
CA PRO A 3 -13.26 9.38 5.42
C PRO A 3 -12.96 10.46 4.37
N THR A 4 -11.80 10.34 3.73
CA THR A 4 -11.41 11.31 2.71
C THR A 4 -11.64 10.77 1.30
N GLU A 5 -10.76 9.88 0.84
CA GLU A 5 -10.90 9.31 -0.51
C GLU A 5 -9.85 8.25 -0.80
N VAL A 6 -8.59 8.52 -0.48
CA VAL A 6 -7.52 7.57 -0.76
C VAL A 6 -7.13 6.78 0.49
N LEU A 7 -6.69 5.54 0.29
CA LEU A 7 -6.29 4.66 1.38
C LEU A 7 -4.81 4.79 1.69
N CYS A 8 -4.44 4.46 2.93
CA CYS A 8 -3.05 4.52 3.37
C CYS A 8 -2.56 3.14 3.80
N LEU A 9 -1.33 2.81 3.43
CA LEU A 9 -0.75 1.52 3.78
C LEU A 9 0.65 1.69 4.38
N MET A 10 0.74 1.59 5.70
CA MET A 10 2.01 1.73 6.39
C MET A 10 2.42 0.42 7.07
N ASN A 11 3.70 0.34 7.43
CA ASN A 11 4.24 -0.85 8.09
C ASN A 11 3.97 -2.11 7.26
N MET A 12 4.20 -2.01 5.96
CA MET A 12 4.01 -3.13 5.05
C MET A 12 5.14 -3.21 4.03
N VAL A 13 5.77 -2.08 3.77
CA VAL A 13 6.88 -2.02 2.81
C VAL A 13 8.20 -1.77 3.52
N LEU A 14 9.25 -2.43 3.03
CA LEU A 14 10.58 -2.27 3.60
C LEU A 14 11.50 -1.51 2.64
N PRO A 15 12.48 -0.77 3.17
CA PRO A 15 13.41 0.00 2.34
C PRO A 15 14.30 -0.90 1.49
N GLU A 16 14.33 -2.19 1.83
CA GLU A 16 15.13 -3.15 1.08
C GLU A 16 14.28 -3.81 0.01
N GLU A 17 13.03 -3.39 -0.08
CA GLU A 17 12.10 -3.92 -1.07
C GLU A 17 11.83 -2.90 -2.17
N LEU A 18 11.77 -1.63 -1.79
CA LEU A 18 11.52 -0.55 -2.74
C LEU A 18 12.83 -0.09 -3.38
N LEU A 19 13.71 -1.05 -3.66
CA LEU A 19 14.99 -0.76 -4.28
C LEU A 19 15.31 -1.75 -5.38
N ASP A 20 14.71 -2.93 -5.31
CA ASP A 20 14.90 -3.98 -6.31
C ASP A 20 13.87 -3.87 -7.42
N ASP A 21 14.22 -4.35 -8.60
CA ASP A 21 13.32 -4.31 -9.75
C ASP A 21 12.20 -5.33 -9.60
N GLU A 22 12.56 -6.55 -9.23
CA GLU A 22 11.59 -7.63 -9.07
C GLU A 22 10.75 -7.42 -7.81
N GLU A 23 11.41 -7.00 -6.73
CA GLU A 23 10.73 -6.76 -5.47
C GLU A 23 9.69 -5.65 -5.60
N TYR A 24 10.10 -4.54 -6.20
CA TYR A 24 9.21 -3.40 -6.39
C TYR A 24 7.96 -3.79 -7.16
N GLU A 25 8.16 -4.30 -8.37
CA GLU A 25 7.05 -4.73 -9.21
C GLU A 25 6.19 -5.77 -8.51
N GLU A 26 6.78 -6.47 -7.55
CA GLU A 26 6.06 -7.51 -6.81
C GLU A 26 5.00 -6.90 -5.89
N ILE A 27 5.41 -5.90 -5.12
CA ILE A 27 4.50 -5.24 -4.18
C ILE A 27 3.39 -4.49 -4.92
N VAL A 28 3.79 -3.61 -5.84
CA VAL A 28 2.82 -2.83 -6.61
C VAL A 28 1.76 -3.71 -7.27
N GLU A 29 2.20 -4.78 -7.92
CA GLU A 29 1.29 -5.70 -8.60
C GLU A 29 0.27 -6.30 -7.63
N ASP A 30 0.77 -7.01 -6.62
CA ASP A 30 -0.10 -7.65 -5.62
C ASP A 30 -1.00 -6.62 -4.95
N VAL A 31 -0.38 -5.62 -4.34
CA VAL A 31 -1.12 -4.57 -3.64
C VAL A 31 -2.23 -3.98 -4.51
N ARG A 32 -2.01 -3.97 -5.82
CA ARG A 32 -3.01 -3.43 -6.75
C ARG A 32 -4.23 -4.33 -6.84
N ASP A 33 -4.01 -5.58 -7.21
CA ASP A 33 -5.11 -6.55 -7.33
C ASP A 33 -5.74 -6.82 -5.98
N GLU A 34 -4.99 -6.56 -4.91
CA GLU A 34 -5.47 -6.77 -3.55
C GLU A 34 -6.43 -5.66 -3.13
N CYS A 35 -6.04 -4.42 -3.40
CA CYS A 35 -6.86 -3.26 -3.05
C CYS A 35 -8.10 -3.21 -3.93
N SER A 36 -8.03 -3.86 -5.09
CA SER A 36 -9.15 -3.89 -6.03
C SER A 36 -10.06 -5.08 -5.75
N LYS A 37 -10.15 -5.47 -4.48
CA LYS A 37 -10.99 -6.59 -4.08
C LYS A 37 -12.16 -6.10 -3.23
N TYR A 38 -12.07 -4.84 -2.81
CA TYR A 38 -13.12 -4.23 -2.00
C TYR A 38 -13.84 -3.15 -2.79
N GLY A 39 -13.22 -2.73 -3.89
CA GLY A 39 -13.80 -1.70 -4.73
C GLY A 39 -12.93 -1.35 -5.91
N LEU A 40 -12.85 -0.06 -6.23
CA LEU A 40 -12.04 0.42 -7.34
C LEU A 40 -10.88 1.28 -6.85
N VAL A 41 -9.67 0.94 -7.29
CA VAL A 41 -8.48 1.70 -6.92
C VAL A 41 -7.87 2.38 -8.14
N LYS A 42 -7.99 3.70 -8.19
CA LYS A 42 -7.46 4.47 -9.31
C LYS A 42 -6.00 4.13 -9.60
N SER A 43 -5.12 4.48 -8.68
CA SER A 43 -3.69 4.21 -8.83
C SER A 43 -3.04 3.91 -7.49
N ILE A 44 -1.71 3.81 -7.51
CA ILE A 44 -0.95 3.53 -6.30
C ILE A 44 0.38 4.28 -6.30
N GLU A 45 0.75 4.84 -5.15
CA GLU A 45 1.99 5.56 -5.02
C GLU A 45 2.93 4.87 -4.05
N ILE A 46 3.99 4.27 -4.58
CA ILE A 46 4.96 3.55 -3.78
C ILE A 46 6.39 3.96 -4.13
N PRO A 47 6.98 4.90 -3.36
CA PRO A 47 8.35 5.39 -3.63
C PRO A 47 9.38 4.27 -3.72
N ARG A 48 10.45 4.53 -4.45
CA ARG A 48 11.53 3.57 -4.64
C ARG A 48 12.85 4.31 -4.76
N PRO A 49 13.44 4.71 -3.62
CA PRO A 49 14.69 5.45 -3.57
C PRO A 49 15.63 5.12 -4.73
N VAL A 50 16.06 6.16 -5.45
CA VAL A 50 16.95 5.95 -6.59
C VAL A 50 18.25 5.29 -6.15
N ASP A 51 18.31 3.97 -6.28
CA ASP A 51 19.49 3.23 -5.87
C ASP A 51 19.75 3.53 -4.41
N GLY A 52 18.72 4.06 -3.76
CA GLY A 52 18.81 4.42 -2.36
C GLY A 52 18.91 5.93 -2.18
N VAL A 53 18.27 6.67 -3.10
CA VAL A 53 18.31 8.13 -3.04
C VAL A 53 17.10 8.70 -2.29
N GLU A 54 15.98 8.84 -2.98
CA GLU A 54 14.77 9.39 -2.39
C GLU A 54 14.16 8.46 -1.35
N VAL A 55 14.34 8.81 -0.08
CA VAL A 55 13.79 8.03 1.02
C VAL A 55 12.99 8.94 1.95
N PRO A 56 11.94 9.59 1.42
CA PRO A 56 11.08 10.50 2.17
C PRO A 56 9.81 9.81 2.65
N GLY A 57 9.98 8.60 3.18
CA GLY A 57 8.84 7.84 3.66
C GLY A 57 8.63 6.59 2.84
N CYS A 58 9.73 6.06 2.32
CA CYS A 58 9.69 4.85 1.50
C CYS A 58 8.86 3.75 2.16
N GLY A 59 9.22 3.38 3.39
CA GLY A 59 8.51 2.35 4.11
C GLY A 59 7.02 2.65 4.27
N LYS A 60 6.59 3.80 3.79
CA LYS A 60 5.19 4.19 3.87
C LYS A 60 4.64 4.46 2.47
N ILE A 61 3.65 3.68 2.06
CA ILE A 61 3.05 3.83 0.74
C ILE A 61 1.53 3.86 0.84
N PHE A 62 0.84 4.01 -0.29
CA PHE A 62 -0.62 4.06 -0.27
C PHE A 62 -1.20 3.92 -1.67
N VAL A 63 -2.53 3.93 -1.75
CA VAL A 63 -3.22 3.80 -3.03
C VAL A 63 -4.34 4.83 -3.16
N GLU A 64 -4.48 5.39 -4.37
CA GLU A 64 -5.52 6.37 -4.64
C GLU A 64 -6.81 5.65 -4.99
N PHE A 65 -7.78 5.72 -4.09
CA PHE A 65 -9.06 5.06 -4.30
C PHE A 65 -10.04 5.97 -5.04
N THR A 66 -11.25 5.47 -5.25
CA THR A 66 -12.30 6.21 -5.94
C THR A 66 -13.36 6.73 -4.97
N SER A 67 -13.81 5.85 -4.08
CA SER A 67 -14.83 6.22 -3.11
C SER A 67 -14.45 5.75 -1.71
N VAL A 68 -14.89 6.49 -0.69
CA VAL A 68 -14.60 6.15 0.70
C VAL A 68 -15.42 4.97 1.17
N PHE A 69 -16.40 4.55 0.37
CA PHE A 69 -17.25 3.43 0.73
C PHE A 69 -16.45 2.14 0.73
N ASP A 70 -15.76 1.88 -0.38
CA ASP A 70 -14.94 0.69 -0.49
C ASP A 70 -13.62 0.89 0.24
N CYS A 71 -13.18 2.15 0.30
CA CYS A 71 -11.93 2.49 0.98
C CYS A 71 -12.03 2.17 2.46
N GLN A 72 -13.22 2.38 3.03
CA GLN A 72 -13.46 2.10 4.44
C GLN A 72 -13.60 0.61 4.68
N LYS A 73 -14.41 -0.04 3.85
CA LYS A 73 -14.62 -1.49 3.96
C LYS A 73 -13.32 -2.25 3.70
N ALA A 74 -12.34 -1.56 3.13
CA ALA A 74 -11.05 -2.18 2.83
C ALA A 74 -10.12 -2.16 4.04
N MET A 75 -9.78 -0.95 4.50
CA MET A 75 -8.87 -0.79 5.63
C MET A 75 -9.39 -1.51 6.88
N GLN A 76 -10.71 -1.60 7.01
CA GLN A 76 -11.32 -2.27 8.16
C GLN A 76 -10.95 -3.74 8.20
N GLY A 77 -10.61 -4.30 7.04
CA GLY A 77 -10.23 -5.70 6.98
C GLY A 77 -8.75 -5.91 6.76
N LEU A 78 -7.99 -4.82 6.80
CA LEU A 78 -6.54 -4.88 6.60
C LEU A 78 -5.80 -4.52 7.88
N THR A 79 -6.52 -3.90 8.80
CA THR A 79 -5.92 -3.49 10.08
C THR A 79 -5.82 -4.67 11.04
N GLY A 80 -4.60 -5.19 11.21
CA GLY A 80 -4.39 -6.30 12.10
C GLY A 80 -3.93 -7.56 11.38
N ARG A 81 -3.79 -7.46 10.05
CA ARG A 81 -3.34 -8.59 9.25
C ARG A 81 -1.81 -8.70 9.25
N LYS A 82 -1.25 -9.26 8.18
CA LYS A 82 0.19 -9.41 8.06
C LYS A 82 0.61 -9.51 6.60
N PHE A 83 1.23 -8.45 6.09
CA PHE A 83 1.67 -8.42 4.70
C PHE A 83 2.57 -9.60 4.39
N ALA A 84 3.41 -9.97 5.36
CA ALA A 84 4.33 -11.08 5.17
C ALA A 84 4.82 -11.62 6.52
N ASN A 85 5.12 -10.70 7.43
CA ASN A 85 5.59 -11.06 8.76
C ASN A 85 5.52 -9.89 9.72
N ARG A 86 4.65 -8.93 9.40
CA ARG A 86 4.46 -7.74 10.23
C ARG A 86 3.05 -7.21 10.09
N VAL A 87 2.51 -6.68 11.19
CA VAL A 87 1.15 -6.15 11.19
C VAL A 87 1.04 -4.94 10.27
N VAL A 88 0.01 -4.95 9.43
CA VAL A 88 -0.22 -3.86 8.48
C VAL A 88 -1.18 -2.82 9.06
N VAL A 89 -0.73 -1.57 9.12
CA VAL A 89 -1.55 -0.49 9.65
C VAL A 89 -2.08 0.40 8.52
N THR A 90 -3.39 0.38 8.34
CA THR A 90 -4.03 1.19 7.30
C THR A 90 -4.61 2.48 7.87
N LYS A 91 -4.84 3.45 7.00
CA LYS A 91 -5.39 4.73 7.42
C LYS A 91 -6.07 5.44 6.25
N TYR A 92 -6.39 6.71 6.44
CA TYR A 92 -7.04 7.51 5.41
C TYR A 92 -6.17 8.70 5.03
N CYS A 93 -6.18 9.07 3.76
CA CYS A 93 -5.39 10.20 3.28
C CYS A 93 -6.18 11.06 2.30
N ASP A 94 -5.86 12.36 2.28
CA ASP A 94 -6.54 13.30 1.41
C ASP A 94 -5.96 13.26 -0.01
N PRO A 95 -6.81 13.09 -1.03
CA PRO A 95 -6.38 13.05 -2.43
C PRO A 95 -5.56 14.28 -2.81
N ASP A 96 -5.84 15.40 -2.16
CA ASP A 96 -5.13 16.64 -2.43
C ASP A 96 -3.65 16.50 -2.10
N SER A 97 -3.34 16.37 -0.81
CA SER A 97 -1.96 16.22 -0.36
C SER A 97 -1.32 15.02 -1.05
N TYR A 98 -2.11 13.99 -1.30
CA TYR A 98 -1.62 12.79 -1.95
C TYR A 98 -0.99 13.15 -3.29
N HIS A 99 -1.73 13.94 -4.08
CA HIS A 99 -1.25 14.38 -5.38
C HIS A 99 0.06 15.12 -5.22
N ARG A 100 0.16 15.92 -4.17
CA ARG A 100 1.38 16.69 -3.89
C ARG A 100 2.46 15.77 -3.33
N ARG A 101 2.08 14.55 -3.01
CA ARG A 101 3.00 13.57 -2.45
C ARG A 101 3.61 14.07 -1.15
N ASP A 102 2.86 14.90 -0.45
CA ASP A 102 3.30 15.45 0.83
C ASP A 102 3.28 14.38 1.92
N PHE A 103 2.65 13.25 1.58
CA PHE A 103 2.55 12.12 2.51
C PHE A 103 1.77 12.51 3.76
N TRP A 104 0.53 12.04 3.84
CA TRP A 104 -0.33 12.33 4.98
C TRP A 104 -0.43 11.12 5.90
N PRO B 1 3.60 -17.80 -10.77
CA PRO B 1 2.81 -18.04 -9.55
C PRO B 1 3.26 -17.18 -8.38
N SER B 2 2.97 -17.65 -7.17
CA SER B 2 3.34 -16.94 -5.95
C SER B 2 2.71 -15.54 -5.92
N LYS B 3 1.56 -15.41 -6.55
CA LYS B 3 0.85 -14.13 -6.60
C LYS B 3 -0.52 -14.25 -5.93
N LYS B 4 -1.01 -15.48 -5.82
CA LYS B 4 -2.30 -15.72 -5.19
C LYS B 4 -2.28 -17.00 -4.36
N ARG B 5 -1.74 -18.06 -4.94
CA ARG B 5 -1.63 -19.35 -4.26
C ARG B 5 -0.23 -19.55 -3.69
N LYS B 6 -0.14 -20.41 -2.67
CA LYS B 6 1.15 -20.70 -2.03
C LYS B 6 1.75 -19.44 -1.41
N ARG B 7 1.68 -19.34 -0.08
CA ARG B 7 2.23 -18.20 0.64
C ARG B 7 1.60 -16.89 0.16
N SER B 8 0.37 -16.65 0.59
CA SER B 8 -0.34 -15.43 0.21
C SER B 8 -0.05 -14.30 1.19
N ARG B 9 -0.64 -13.13 0.93
CA ARG B 9 -0.44 -11.97 1.80
C ARG B 9 -1.53 -11.88 2.86
N TRP B 10 -1.39 -10.91 3.75
CA TRP B 10 -2.37 -10.70 4.82
C TRP B 10 -2.51 -11.95 5.67
N ASN B 11 -1.39 -12.60 5.94
CA ASN B 11 -1.38 -13.81 6.75
C ASN B 11 -1.52 -13.48 8.24
N GLN B 12 -1.16 -14.42 9.09
CA GLN B 12 -1.24 -14.22 10.54
C GLN B 12 -0.60 -15.38 11.29
N ASP B 13 -0.77 -16.59 10.76
CA ASP B 13 -0.21 -17.79 11.39
C ASP B 13 1.24 -17.99 10.95
N GLY A 1 -10.85 8.16 12.80
CA GLY A 1 -11.65 7.38 11.88
C GLY A 1 -12.57 8.23 11.04
N HIS A 2 -12.23 8.41 9.78
CA HIS A 2 -13.02 9.21 8.86
C HIS A 2 -12.65 8.91 7.41
N PRO A 3 -13.65 8.80 6.51
CA PRO A 3 -13.42 8.51 5.11
C PRO A 3 -13.17 9.77 4.28
N THR A 4 -12.02 9.82 3.62
CA THR A 4 -11.66 10.97 2.79
C THR A 4 -11.75 10.62 1.31
N GLU A 5 -10.81 9.80 0.83
CA GLU A 5 -10.80 9.41 -0.58
C GLU A 5 -9.67 8.43 -0.89
N VAL A 6 -8.46 8.72 -0.41
CA VAL A 6 -7.31 7.85 -0.67
C VAL A 6 -6.84 7.16 0.60
N LEU A 7 -6.22 5.98 0.42
CA LEU A 7 -5.73 5.20 1.54
C LEU A 7 -4.22 5.37 1.71
N CYS A 8 -3.73 5.11 2.92
CA CYS A 8 -2.31 5.22 3.22
C CYS A 8 -1.87 4.09 4.14
N LEU A 9 -1.38 3.01 3.54
CA LEU A 9 -0.92 1.86 4.30
C LEU A 9 0.57 1.96 4.62
N MET A 10 0.88 2.31 5.86
CA MET A 10 2.28 2.45 6.29
C MET A 10 2.68 1.31 7.22
N ASN A 11 3.93 1.34 7.67
CA ASN A 11 4.45 0.33 8.58
C ASN A 11 4.25 -1.08 8.00
N MET A 12 4.76 -1.30 6.80
CA MET A 12 4.64 -2.60 6.14
C MET A 12 5.59 -2.70 4.95
N VAL A 13 6.62 -1.86 4.95
CA VAL A 13 7.60 -1.86 3.87
C VAL A 13 8.96 -1.35 4.36
N LEU A 14 10.01 -1.76 3.67
CA LEU A 14 11.37 -1.35 4.00
C LEU A 14 12.12 -0.95 2.74
N PRO A 15 13.08 -0.01 2.83
CA PRO A 15 13.85 0.43 1.67
C PRO A 15 14.67 -0.68 1.06
N GLU A 16 14.94 -1.72 1.86
CA GLU A 16 15.70 -2.87 1.38
C GLU A 16 14.88 -3.70 0.41
N GLU A 17 13.58 -3.37 0.33
CA GLU A 17 12.67 -4.08 -0.56
C GLU A 17 12.24 -3.18 -1.71
N LEU A 18 12.09 -1.89 -1.43
CA LEU A 18 11.69 -0.92 -2.44
C LEU A 18 12.90 -0.40 -3.20
N LEU A 19 13.82 -1.31 -3.51
CA LEU A 19 15.03 -0.95 -4.24
C LEU A 19 15.28 -1.93 -5.39
N ASP A 20 14.80 -3.15 -5.22
CA ASP A 20 14.96 -4.17 -6.25
C ASP A 20 13.91 -4.03 -7.35
N ASP A 21 14.23 -4.51 -8.54
CA ASP A 21 13.32 -4.42 -9.67
C ASP A 21 12.17 -5.41 -9.56
N GLU A 22 12.49 -6.68 -9.35
CA GLU A 22 11.47 -7.71 -9.23
C GLU A 22 10.75 -7.65 -7.89
N GLU A 23 11.49 -7.33 -6.84
CA GLU A 23 10.92 -7.24 -5.50
C GLU A 23 9.88 -6.12 -5.41
N TYR A 24 10.27 -4.92 -5.84
CA TYR A 24 9.37 -3.78 -5.79
C TYR A 24 8.17 -3.97 -6.72
N GLU A 25 8.44 -4.48 -7.93
CA GLU A 25 7.38 -4.73 -8.90
C GLU A 25 6.33 -5.67 -8.32
N GLU A 26 6.79 -6.60 -7.47
CA GLU A 26 5.90 -7.56 -6.85
C GLU A 26 5.07 -6.89 -5.76
N ILE A 27 5.66 -5.91 -5.09
CA ILE A 27 4.99 -5.18 -4.03
C ILE A 27 3.70 -4.52 -4.55
N VAL A 28 3.85 -3.75 -5.62
CA VAL A 28 2.71 -3.06 -6.22
C VAL A 28 1.67 -4.04 -6.75
N GLU A 29 2.11 -4.97 -7.60
CA GLU A 29 1.22 -5.95 -8.20
C GLU A 29 0.43 -6.74 -7.15
N ASP A 30 1.09 -7.08 -6.05
CA ASP A 30 0.45 -7.85 -4.98
C ASP A 30 -0.62 -7.02 -4.26
N VAL A 31 -0.19 -6.01 -3.53
CA VAL A 31 -1.08 -5.15 -2.79
C VAL A 31 -2.22 -4.63 -3.65
N ARG A 32 -1.93 -4.39 -4.92
CA ARG A 32 -2.94 -3.91 -5.86
C ARG A 32 -4.06 -4.92 -6.03
N ASP A 33 -3.69 -6.17 -6.31
CA ASP A 33 -4.67 -7.23 -6.50
C ASP A 33 -5.61 -7.33 -5.31
N GLU A 34 -5.06 -7.13 -4.11
CA GLU A 34 -5.86 -7.20 -2.89
C GLU A 34 -6.69 -5.93 -2.72
N CYS A 35 -6.14 -4.80 -3.17
CA CYS A 35 -6.84 -3.53 -3.07
C CYS A 35 -8.07 -3.50 -3.96
N SER A 36 -7.96 -4.12 -5.14
CA SER A 36 -9.05 -4.16 -6.09
C SER A 36 -9.94 -5.39 -5.86
N LYS A 37 -9.96 -5.86 -4.61
CA LYS A 37 -10.75 -7.03 -4.25
C LYS A 37 -12.02 -6.60 -3.54
N TYR A 38 -12.00 -5.41 -2.97
CA TYR A 38 -13.15 -4.86 -2.26
C TYR A 38 -13.87 -3.85 -3.14
N GLY A 39 -13.20 -3.42 -4.20
CA GLY A 39 -13.77 -2.45 -5.10
C GLY A 39 -12.82 -2.04 -6.20
N LEU A 40 -12.79 -0.75 -6.51
CA LEU A 40 -11.91 -0.22 -7.55
C LEU A 40 -10.85 0.69 -6.96
N VAL A 41 -9.63 0.60 -7.49
CA VAL A 41 -8.54 1.44 -7.03
C VAL A 41 -7.87 2.15 -8.21
N LYS A 42 -7.86 3.47 -8.17
CA LYS A 42 -7.27 4.26 -9.24
C LYS A 42 -5.85 3.81 -9.56
N SER A 43 -4.92 4.04 -8.64
CA SER A 43 -3.53 3.65 -8.83
C SER A 43 -2.72 3.82 -7.55
N ILE A 44 -1.74 2.94 -7.36
CA ILE A 44 -0.89 2.99 -6.18
C ILE A 44 0.39 3.78 -6.45
N GLU A 45 0.98 4.30 -5.37
CA GLU A 45 2.22 5.07 -5.48
C GLU A 45 3.14 4.72 -4.30
N ILE A 46 4.37 4.34 -4.64
CA ILE A 46 5.36 3.97 -3.63
C ILE A 46 6.74 4.52 -3.97
N PRO A 47 7.48 5.06 -2.98
CA PRO A 47 8.83 5.58 -3.19
C PRO A 47 9.77 4.51 -3.75
N ARG A 48 10.77 4.93 -4.51
CA ARG A 48 11.72 4.01 -5.11
C ARG A 48 13.11 4.63 -5.18
N PRO A 49 13.83 4.66 -4.04
CA PRO A 49 15.18 5.25 -3.98
C PRO A 49 16.11 4.66 -5.04
N VAL A 50 16.75 5.51 -5.82
CA VAL A 50 17.67 5.04 -6.85
C VAL A 50 18.98 4.60 -6.24
N ASP A 51 19.11 3.31 -5.98
CA ASP A 51 20.32 2.77 -5.37
C ASP A 51 20.55 3.47 -4.05
N GLY A 52 19.47 4.06 -3.54
CA GLY A 52 19.53 4.79 -2.29
C GLY A 52 19.56 6.28 -2.54
N VAL A 53 18.92 6.72 -3.62
CA VAL A 53 18.90 8.13 -3.98
C VAL A 53 17.77 8.89 -3.27
N GLU A 54 16.53 8.58 -3.65
CA GLU A 54 15.38 9.25 -3.06
C GLU A 54 14.85 8.50 -1.84
N VAL A 55 15.30 8.91 -0.67
CA VAL A 55 14.85 8.30 0.57
C VAL A 55 14.27 9.37 1.50
N PRO A 56 13.13 9.97 1.10
CA PRO A 56 12.46 11.02 1.86
C PRO A 56 11.37 10.44 2.75
N GLY A 57 11.63 9.27 3.31
CA GLY A 57 10.67 8.60 4.17
C GLY A 57 10.18 7.31 3.57
N CYS A 58 11.01 6.70 2.72
CA CYS A 58 10.68 5.44 2.07
C CYS A 58 10.30 4.37 3.10
N GLY A 59 9.01 4.07 3.18
CA GLY A 59 8.54 3.06 4.12
C GLY A 59 7.04 3.11 4.34
N LYS A 60 6.32 3.72 3.42
CA LYS A 60 4.86 3.82 3.53
C LYS A 60 4.21 3.87 2.15
N ILE A 61 3.38 2.86 1.85
CA ILE A 61 2.68 2.78 0.58
C ILE A 61 1.32 3.48 0.66
N PHE A 62 0.92 4.13 -0.43
CA PHE A 62 -0.37 4.81 -0.46
C PHE A 62 -1.02 4.67 -1.83
N VAL A 63 -2.33 4.45 -1.84
CA VAL A 63 -3.06 4.27 -3.09
C VAL A 63 -4.19 5.29 -3.25
N GLU A 64 -4.52 5.59 -4.48
CA GLU A 64 -5.60 6.51 -4.78
C GLU A 64 -6.84 5.73 -5.18
N PHE A 65 -7.90 5.88 -4.39
CA PHE A 65 -9.16 5.17 -4.64
C PHE A 65 -10.10 6.01 -5.49
N THR A 66 -11.31 5.48 -5.71
CA THR A 66 -12.34 6.17 -6.49
C THR A 66 -13.41 6.74 -5.57
N SER A 67 -13.90 5.89 -4.67
CA SER A 67 -14.94 6.30 -3.71
C SER A 67 -14.58 5.81 -2.31
N VAL A 68 -15.01 6.56 -1.29
CA VAL A 68 -14.74 6.20 0.09
C VAL A 68 -15.56 4.99 0.53
N PHE A 69 -16.43 4.52 -0.34
CA PHE A 69 -17.28 3.37 -0.01
C PHE A 69 -16.45 2.10 -0.01
N ASP A 70 -15.72 1.87 -1.09
CA ASP A 70 -14.86 0.70 -1.20
C ASP A 70 -13.55 0.95 -0.47
N CYS A 71 -13.18 2.22 -0.36
CA CYS A 71 -11.96 2.61 0.33
C CYS A 71 -12.06 2.23 1.80
N GLN A 72 -13.23 2.47 2.38
CA GLN A 72 -13.47 2.15 3.78
C GLN A 72 -13.58 0.65 3.96
N LYS A 73 -14.31 0.00 3.06
CA LYS A 73 -14.49 -1.44 3.11
C LYS A 73 -13.18 -2.17 2.83
N ALA A 74 -12.21 -1.44 2.30
CA ALA A 74 -10.90 -2.00 1.98
C ALA A 74 -10.03 -2.05 3.22
N MET A 75 -9.89 -0.91 3.90
CA MET A 75 -9.08 -0.85 5.10
C MET A 75 -9.65 -1.77 6.18
N GLN A 76 -10.96 -1.99 6.12
CA GLN A 76 -11.62 -2.86 7.09
C GLN A 76 -11.34 -4.33 6.80
N GLY A 77 -10.36 -4.58 5.93
CA GLY A 77 -10.02 -5.96 5.58
C GLY A 77 -8.52 -6.22 5.64
N LEU A 78 -7.72 -5.30 5.13
CA LEU A 78 -6.27 -5.48 5.12
C LEU A 78 -5.63 -4.98 6.40
N THR A 79 -6.43 -4.41 7.30
CA THR A 79 -5.91 -3.91 8.57
C THR A 79 -5.53 -5.07 9.49
N GLY A 80 -4.39 -4.94 10.17
CA GLY A 80 -3.93 -5.98 11.06
C GLY A 80 -3.41 -7.19 10.31
N ARG A 81 -3.47 -7.13 8.98
CA ARG A 81 -2.99 -8.22 8.14
C ARG A 81 -1.51 -8.05 7.82
N LYS A 82 -0.67 -8.35 8.81
CA LYS A 82 0.78 -8.25 8.67
C LYS A 82 1.24 -8.60 7.25
N PHE A 83 1.83 -7.61 6.58
CA PHE A 83 2.32 -7.81 5.22
C PHE A 83 3.25 -9.02 5.15
N ALA A 84 4.12 -9.15 6.14
CA ALA A 84 5.06 -10.26 6.20
C ALA A 84 5.43 -10.57 7.65
N ASN A 85 5.68 -9.51 8.42
CA ASN A 85 6.04 -9.65 9.83
C ASN A 85 6.04 -8.28 10.51
N ARG A 86 5.09 -7.44 10.11
CA ARG A 86 4.97 -6.10 10.67
C ARG A 86 3.51 -5.66 10.64
N VAL A 87 2.96 -5.40 11.81
CA VAL A 87 1.57 -4.99 11.91
C VAL A 87 1.24 -3.85 10.95
N VAL A 88 0.57 -4.20 9.86
CA VAL A 88 0.19 -3.23 8.84
C VAL A 88 -0.63 -2.10 9.43
N VAL A 89 -0.05 -0.90 9.48
CA VAL A 89 -0.74 0.26 10.02
C VAL A 89 -1.49 1.01 8.92
N THR A 90 -2.80 0.82 8.87
CA THR A 90 -3.63 1.46 7.86
C THR A 90 -4.17 2.80 8.36
N LYS A 91 -3.99 3.84 7.56
CA LYS A 91 -4.46 5.18 7.92
C LYS A 91 -5.00 5.90 6.69
N TYR A 92 -6.16 6.52 6.84
CA TYR A 92 -6.78 7.25 5.74
C TYR A 92 -5.95 8.47 5.36
N CYS A 93 -6.08 8.92 4.11
CA CYS A 93 -5.35 10.08 3.63
C CYS A 93 -6.22 10.95 2.73
N ASP A 94 -6.01 12.26 2.82
CA ASP A 94 -6.77 13.21 2.02
C ASP A 94 -6.12 13.45 0.66
N PRO A 95 -6.93 13.47 -0.42
CA PRO A 95 -6.44 13.70 -1.78
C PRO A 95 -5.61 14.97 -1.89
N ASP A 96 -5.79 15.88 -0.95
CA ASP A 96 -5.05 17.14 -0.95
C ASP A 96 -3.56 16.90 -0.76
N SER A 97 -3.16 16.58 0.46
CA SER A 97 -1.76 16.31 0.77
C SER A 97 -1.22 15.18 -0.10
N TYR A 98 -2.08 14.21 -0.39
CA TYR A 98 -1.69 13.07 -1.21
C TYR A 98 -1.18 13.56 -2.57
N HIS A 99 -1.95 14.43 -3.20
CA HIS A 99 -1.56 14.99 -4.49
C HIS A 99 -0.22 15.69 -4.38
N ARG A 100 0.01 16.34 -3.23
CA ARG A 100 1.25 17.04 -2.97
C ARG A 100 2.42 16.06 -2.93
N ARG A 101 2.10 14.81 -2.60
CA ARG A 101 3.11 13.76 -2.51
C ARG A 101 4.18 14.11 -1.48
N ASP A 102 3.74 14.32 -0.25
CA ASP A 102 4.65 14.67 0.84
C ASP A 102 5.64 13.53 1.11
N PHE A 103 5.34 12.36 0.55
CA PHE A 103 6.20 11.20 0.72
C PHE A 103 7.26 11.15 -0.38
N TRP A 104 6.83 11.39 -1.61
CA TRP A 104 7.74 11.39 -2.75
C TRP A 104 8.91 12.33 -2.54
N PRO B 1 8.49 -17.06 -3.42
CA PRO B 1 7.20 -16.76 -4.06
C PRO B 1 7.32 -15.69 -5.14
N SER B 2 6.59 -15.87 -6.22
CA SER B 2 6.61 -14.91 -7.33
C SER B 2 5.23 -14.78 -7.96
N LYS B 3 4.81 -15.80 -8.69
CA LYS B 3 3.51 -15.78 -9.34
C LYS B 3 2.96 -17.21 -9.50
N LYS B 4 3.44 -18.12 -8.66
CA LYS B 4 3.00 -19.50 -8.71
C LYS B 4 1.92 -19.77 -7.66
N ARG B 5 1.79 -18.84 -6.70
CA ARG B 5 0.79 -18.98 -5.65
C ARG B 5 -0.29 -17.91 -5.78
N LYS B 6 -1.38 -18.08 -5.04
CA LYS B 6 -2.48 -17.13 -5.07
C LYS B 6 -2.38 -16.12 -3.94
N ARG B 7 -1.88 -16.58 -2.80
CA ARG B 7 -1.72 -15.72 -1.63
C ARG B 7 -0.26 -15.68 -1.19
N SER B 8 0.17 -14.52 -0.70
CA SER B 8 1.54 -14.34 -0.24
C SER B 8 1.63 -13.24 0.80
N ARG B 9 1.07 -12.08 0.47
CA ARG B 9 1.07 -10.94 1.38
C ARG B 9 -0.10 -11.00 2.35
N TRP B 10 -0.07 -10.14 3.37
CA TRP B 10 -1.13 -10.10 4.38
C TRP B 10 -1.18 -11.41 5.18
N ASN B 11 -1.12 -11.29 6.50
CA ASN B 11 -1.15 -12.45 7.38
C ASN B 11 -2.11 -12.24 8.55
N GLN B 12 -1.97 -13.07 9.57
CA GLN B 12 -2.82 -12.98 10.77
C GLN B 12 -4.29 -13.11 10.39
N ASP B 13 -4.56 -13.75 9.27
CA ASP B 13 -5.93 -13.93 8.80
C ASP B 13 -6.64 -15.01 9.62
N GLY A 1 -12.05 6.79 12.02
CA GLY A 1 -11.37 8.06 11.93
C GLY A 1 -12.15 9.09 11.15
N HIS A 2 -12.05 9.04 9.84
CA HIS A 2 -12.75 9.98 8.97
C HIS A 2 -12.56 9.61 7.50
N PRO A 3 -13.64 9.27 6.77
CA PRO A 3 -13.56 8.91 5.35
C PRO A 3 -13.34 10.12 4.46
N THR A 4 -12.19 10.14 3.80
CA THR A 4 -11.85 11.25 2.90
C THR A 4 -11.93 10.81 1.43
N GLU A 5 -11.00 9.94 1.02
CA GLU A 5 -10.99 9.43 -0.35
C GLU A 5 -9.87 8.43 -0.58
N VAL A 6 -8.66 8.74 -0.12
CA VAL A 6 -7.54 7.83 -0.30
C VAL A 6 -7.14 7.17 1.01
N LEU A 7 -6.56 5.98 0.92
CA LEU A 7 -6.15 5.24 2.10
C LEU A 7 -4.63 5.07 2.16
N CYS A 8 -4.10 4.91 3.37
CA CYS A 8 -2.66 4.75 3.56
C CYS A 8 -2.36 3.48 4.34
N LEU A 9 -1.41 2.69 3.82
CA LEU A 9 -1.00 1.45 4.46
C LEU A 9 0.48 1.48 4.80
N MET A 10 0.79 1.70 6.08
CA MET A 10 2.17 1.77 6.54
C MET A 10 2.62 0.43 7.10
N ASN A 11 3.93 0.30 7.33
CA ASN A 11 4.51 -0.92 7.86
C ASN A 11 4.15 -2.12 6.97
N MET A 12 4.69 -2.13 5.76
CA MET A 12 4.43 -3.21 4.82
C MET A 12 5.53 -3.29 3.76
N VAL A 13 6.62 -2.58 3.99
CA VAL A 13 7.74 -2.58 3.04
C VAL A 13 9.07 -2.30 3.73
N LEU A 14 10.14 -2.45 2.97
CA LEU A 14 11.50 -2.21 3.47
C LEU A 14 12.31 -1.47 2.41
N PRO A 15 13.29 -0.65 2.83
CA PRO A 15 14.12 0.11 1.89
C PRO A 15 14.98 -0.79 1.01
N GLU A 16 15.20 -2.02 1.46
CA GLU A 16 16.00 -2.98 0.71
C GLU A 16 15.15 -3.68 -0.34
N GLU A 17 13.86 -3.32 -0.38
CA GLU A 17 12.92 -3.91 -1.32
C GLU A 17 12.49 -2.88 -2.36
N LEU A 18 12.40 -1.63 -1.93
CA LEU A 18 12.00 -0.54 -2.82
C LEU A 18 13.21 0.04 -3.54
N LEU A 19 14.18 -0.83 -3.82
CA LEU A 19 15.39 -0.41 -4.52
C LEU A 19 15.67 -1.32 -5.70
N ASP A 20 15.02 -2.48 -5.70
CA ASP A 20 15.19 -3.46 -6.78
C ASP A 20 14.05 -3.33 -7.78
N ASP A 21 14.34 -3.67 -9.04
CA ASP A 21 13.34 -3.58 -10.10
C ASP A 21 12.31 -4.70 -9.99
N GLU A 22 12.79 -5.93 -9.76
CA GLU A 22 11.91 -7.08 -9.65
C GLU A 22 11.18 -7.10 -8.31
N GLU A 23 11.91 -6.81 -7.24
CA GLU A 23 11.32 -6.81 -5.90
C GLU A 23 10.20 -5.78 -5.79
N TYR A 24 10.48 -4.55 -6.22
CA TYR A 24 9.50 -3.49 -6.15
C TYR A 24 8.27 -3.81 -7.00
N GLU A 25 8.50 -4.31 -8.21
CA GLU A 25 7.41 -4.66 -9.11
C GLU A 25 6.45 -5.64 -8.43
N GLU A 26 7.00 -6.52 -7.60
CA GLU A 26 6.20 -7.49 -6.88
C GLU A 26 5.36 -6.82 -5.79
N ILE A 27 5.94 -5.83 -5.13
CA ILE A 27 5.26 -5.10 -4.07
C ILE A 27 4.01 -4.40 -4.60
N VAL A 28 4.17 -3.62 -5.66
CA VAL A 28 3.07 -2.88 -6.26
C VAL A 28 1.99 -3.82 -6.79
N GLU A 29 2.42 -4.86 -7.50
CA GLU A 29 1.49 -5.83 -8.08
C GLU A 29 0.55 -6.41 -7.03
N ASP A 30 1.12 -6.98 -5.97
CA ASP A 30 0.32 -7.59 -4.91
C ASP A 30 -0.59 -6.56 -4.24
N VAL A 31 -0.01 -5.46 -3.80
CA VAL A 31 -0.78 -4.40 -3.13
C VAL A 31 -1.88 -3.87 -4.04
N ARG A 32 -1.68 -3.99 -5.35
CA ARG A 32 -2.67 -3.52 -6.33
C ARG A 32 -3.84 -4.49 -6.44
N ASP A 33 -3.55 -5.74 -6.76
CA ASP A 33 -4.57 -6.77 -6.90
C ASP A 33 -5.35 -6.95 -5.61
N GLU A 34 -4.71 -6.67 -4.48
CA GLU A 34 -5.35 -6.81 -3.18
C GLU A 34 -6.31 -5.66 -2.91
N CYS A 35 -5.83 -4.43 -3.12
CA CYS A 35 -6.65 -3.25 -2.89
C CYS A 35 -7.82 -3.19 -3.86
N SER A 36 -7.66 -3.83 -5.02
CA SER A 36 -8.71 -3.87 -6.03
C SER A 36 -9.63 -5.06 -5.84
N LYS A 37 -9.82 -5.46 -4.59
CA LYS A 37 -10.69 -6.60 -4.28
C LYS A 37 -11.97 -6.15 -3.60
N TYR A 38 -11.96 -4.92 -3.09
CA TYR A 38 -13.12 -4.36 -2.41
C TYR A 38 -13.76 -3.26 -3.23
N GLY A 39 -13.07 -2.83 -4.29
CA GLY A 39 -13.59 -1.78 -5.14
C GLY A 39 -12.64 -1.38 -6.24
N LEU A 40 -12.58 -0.08 -6.53
CA LEU A 40 -11.71 0.44 -7.57
C LEU A 40 -10.62 1.33 -6.98
N VAL A 41 -9.38 1.11 -7.40
CA VAL A 41 -8.26 1.90 -6.93
C VAL A 41 -7.64 2.69 -8.09
N LYS A 42 -7.77 4.01 -8.02
CA LYS A 42 -7.23 4.88 -9.06
C LYS A 42 -5.75 4.61 -9.33
N SER A 43 -4.96 4.57 -8.25
CA SER A 43 -3.53 4.32 -8.39
C SER A 43 -2.88 4.02 -7.04
N ILE A 44 -1.56 3.82 -7.06
CA ILE A 44 -0.80 3.53 -5.85
C ILE A 44 0.54 4.26 -5.88
N GLU A 45 0.90 4.87 -4.76
CA GLU A 45 2.16 5.60 -4.67
C GLU A 45 3.11 4.92 -3.68
N ILE A 46 4.32 4.59 -4.16
CA ILE A 46 5.32 3.94 -3.34
C ILE A 46 6.71 4.53 -3.63
N PRO A 47 7.48 4.88 -2.58
CA PRO A 47 8.83 5.45 -2.74
C PRO A 47 9.84 4.38 -3.18
N ARG A 48 10.71 4.76 -4.11
CA ARG A 48 11.73 3.86 -4.62
C ARG A 48 12.99 4.64 -4.97
N PRO A 49 13.84 4.93 -3.97
CA PRO A 49 15.08 5.68 -4.18
C PRO A 49 15.81 5.24 -5.44
N VAL A 50 16.03 6.16 -6.37
CA VAL A 50 16.71 5.83 -7.60
C VAL A 50 18.10 5.28 -7.31
N ASP A 51 18.19 3.95 -7.27
CA ASP A 51 19.45 3.29 -6.97
C ASP A 51 19.94 3.79 -5.62
N GLY A 52 19.01 4.40 -4.88
CA GLY A 52 19.31 4.95 -3.58
C GLY A 52 19.27 6.47 -3.60
N VAL A 53 18.36 7.04 -4.40
CA VAL A 53 18.25 8.50 -4.49
C VAL A 53 17.12 9.05 -3.62
N GLU A 54 15.92 9.14 -4.17
CA GLU A 54 14.78 9.68 -3.46
C GLU A 54 14.28 8.73 -2.37
N VAL A 55 14.56 9.09 -1.12
CA VAL A 55 14.12 8.30 0.02
C VAL A 55 13.29 9.15 0.97
N PRO A 56 12.10 9.59 0.51
CA PRO A 56 11.20 10.43 1.29
C PRO A 56 10.28 9.59 2.16
N GLY A 57 10.69 9.36 3.40
CA GLY A 57 9.89 8.55 4.30
C GLY A 57 9.72 7.14 3.76
N CYS A 58 10.73 6.70 3.01
CA CYS A 58 10.72 5.37 2.40
C CYS A 58 10.19 4.32 3.36
N GLY A 59 9.32 3.44 2.87
CA GLY A 59 8.76 2.39 3.70
C GLY A 59 7.28 2.61 3.96
N LYS A 60 6.62 3.35 3.08
CA LYS A 60 5.19 3.64 3.23
C LYS A 60 4.48 3.50 1.89
N ILE A 61 3.38 2.75 1.89
CA ILE A 61 2.60 2.56 0.66
C ILE A 61 1.17 3.05 0.86
N PHE A 62 0.64 3.75 -0.12
CA PHE A 62 -0.73 4.24 -0.05
C PHE A 62 -1.36 4.29 -1.43
N VAL A 63 -2.66 4.13 -1.50
CA VAL A 63 -3.36 4.12 -2.79
C VAL A 63 -4.45 5.16 -2.88
N GLU A 64 -4.67 5.66 -4.09
CA GLU A 64 -5.71 6.65 -4.35
C GLU A 64 -6.98 5.92 -4.74
N PHE A 65 -7.99 6.01 -3.89
CA PHE A 65 -9.27 5.34 -4.15
C PHE A 65 -10.21 6.22 -4.95
N THR A 66 -11.32 5.62 -5.38
CA THR A 66 -12.32 6.34 -6.15
C THR A 66 -13.45 6.84 -5.26
N SER A 67 -13.88 5.99 -4.33
CA SER A 67 -14.94 6.33 -3.39
C SER A 67 -14.62 5.83 -1.99
N VAL A 68 -15.05 6.57 -0.97
CA VAL A 68 -14.79 6.20 0.41
C VAL A 68 -15.66 5.01 0.84
N PHE A 69 -16.49 4.52 -0.08
CA PHE A 69 -17.36 3.40 0.22
C PHE A 69 -16.56 2.10 0.19
N ASP A 70 -15.83 1.91 -0.90
CA ASP A 70 -15.01 0.73 -1.05
C ASP A 70 -13.72 0.90 -0.25
N CYS A 71 -13.30 2.15 -0.11
CA CYS A 71 -12.10 2.47 0.65
C CYS A 71 -12.28 2.10 2.12
N GLN A 72 -13.47 2.38 2.64
CA GLN A 72 -13.78 2.07 4.03
C GLN A 72 -13.87 0.56 4.23
N LYS A 73 -14.60 -0.11 3.35
CA LYS A 73 -14.76 -1.56 3.44
C LYS A 73 -13.46 -2.26 3.08
N ALA A 74 -12.50 -1.50 2.56
CA ALA A 74 -11.20 -2.05 2.18
C ALA A 74 -10.31 -2.24 3.40
N MET A 75 -9.98 -1.12 4.06
CA MET A 75 -9.13 -1.17 5.24
C MET A 75 -9.82 -1.93 6.37
N GLN A 76 -11.15 -1.97 6.34
CA GLN A 76 -11.91 -2.67 7.36
C GLN A 76 -11.73 -4.18 7.26
N GLY A 77 -10.89 -4.61 6.33
CA GLY A 77 -10.65 -6.04 6.15
C GLY A 77 -9.18 -6.38 6.05
N LEU A 78 -8.37 -5.41 5.63
CA LEU A 78 -6.93 -5.64 5.49
C LEU A 78 -6.15 -5.03 6.65
N THR A 79 -6.87 -4.47 7.63
CA THR A 79 -6.23 -3.88 8.80
C THR A 79 -6.02 -4.91 9.90
N GLY A 80 -4.85 -4.86 10.53
CA GLY A 80 -4.54 -5.79 11.60
C GLY A 80 -3.99 -7.10 11.08
N ARG A 81 -3.71 -7.16 9.78
CA ARG A 81 -3.18 -8.36 9.17
C ARG A 81 -1.65 -8.36 9.20
N LYS A 82 -1.02 -8.86 8.14
CA LYS A 82 0.43 -8.91 8.08
C LYS A 82 0.91 -9.11 6.64
N PHE A 83 1.84 -8.26 6.20
CA PHE A 83 2.38 -8.35 4.85
C PHE A 83 3.21 -9.62 4.70
N ALA A 84 3.90 -10.00 5.77
CA ALA A 84 4.74 -11.20 5.75
C ALA A 84 5.20 -11.56 7.16
N ASN A 85 5.55 -10.54 7.95
CA ASN A 85 6.00 -10.77 9.32
C ASN A 85 5.73 -9.55 10.20
N ARG A 86 5.59 -8.38 9.59
CA ARG A 86 5.34 -7.15 10.33
C ARG A 86 3.87 -6.75 10.25
N VAL A 87 3.31 -6.36 11.38
CA VAL A 87 1.91 -5.95 11.44
C VAL A 87 1.63 -4.78 10.50
N VAL A 88 0.42 -4.74 9.96
CA VAL A 88 0.03 -3.68 9.04
C VAL A 88 -0.78 -2.60 9.73
N VAL A 89 -0.35 -1.36 9.59
CA VAL A 89 -1.03 -0.23 10.21
C VAL A 89 -1.62 0.69 9.14
N THR A 90 -2.95 0.77 9.10
CA THR A 90 -3.65 1.59 8.12
C THR A 90 -4.11 2.92 8.72
N LYS A 91 -4.34 3.89 7.85
CA LYS A 91 -4.79 5.22 8.27
C LYS A 91 -5.32 6.00 7.07
N TYR A 92 -6.55 6.51 7.19
CA TYR A 92 -7.15 7.28 6.10
C TYR A 92 -6.29 8.47 5.72
N CYS A 93 -6.46 8.96 4.50
CA CYS A 93 -5.69 10.10 4.01
C CYS A 93 -6.48 10.93 2.99
N ASP A 94 -6.15 12.21 2.91
CA ASP A 94 -6.81 13.12 1.99
C ASP A 94 -6.14 13.11 0.62
N PRO A 95 -6.94 13.06 -0.47
CA PRO A 95 -6.41 13.05 -1.84
C PRO A 95 -5.48 14.22 -2.11
N ASP A 96 -5.63 15.28 -1.32
CA ASP A 96 -4.80 16.47 -1.46
C ASP A 96 -3.32 16.11 -1.34
N SER A 97 -2.92 15.64 -0.16
CA SER A 97 -1.54 15.26 0.08
C SER A 97 -1.02 14.33 -1.01
N TYR A 98 -1.86 13.38 -1.42
CA TYR A 98 -1.50 12.45 -2.47
C TYR A 98 -1.02 13.19 -3.71
N HIS A 99 -1.83 14.12 -4.17
CA HIS A 99 -1.51 14.91 -5.36
C HIS A 99 -0.17 15.62 -5.20
N ARG A 100 0.16 16.02 -3.98
CA ARG A 100 1.41 16.71 -3.70
C ARG A 100 2.55 15.72 -3.45
N ARG A 101 2.20 14.45 -3.29
CA ARG A 101 3.18 13.41 -3.03
C ARG A 101 4.04 13.75 -1.81
N ASP A 102 3.48 14.57 -0.92
CA ASP A 102 4.18 14.98 0.29
C ASP A 102 4.14 13.87 1.33
N PHE A 103 3.38 12.81 1.04
CA PHE A 103 3.25 11.67 1.93
C PHE A 103 2.60 12.07 3.25
N TRP A 104 1.35 11.65 3.42
CA TRP A 104 0.60 11.96 4.63
C TRP A 104 -0.20 10.75 5.11
N PRO B 1 2.67 -16.52 -17.60
CA PRO B 1 3.84 -17.26 -17.12
C PRO B 1 4.26 -16.86 -15.72
N SER B 2 3.46 -15.99 -15.08
CA SER B 2 3.76 -15.53 -13.73
C SER B 2 2.53 -15.59 -12.85
N LYS B 3 2.75 -15.49 -11.54
CA LYS B 3 1.67 -15.52 -10.56
C LYS B 3 0.84 -16.79 -10.71
N LYS B 4 1.46 -17.94 -10.45
CA LYS B 4 0.78 -19.22 -10.56
C LYS B 4 0.30 -19.69 -9.19
N ARG B 5 1.12 -19.47 -8.17
CA ARG B 5 0.79 -19.87 -6.81
C ARG B 5 0.12 -18.72 -6.06
N LYS B 6 -1.15 -18.91 -5.70
CA LYS B 6 -1.90 -17.89 -4.98
C LYS B 6 -1.20 -17.53 -3.66
N ARG B 7 -0.67 -16.30 -3.61
CA ARG B 7 0.03 -15.84 -2.42
C ARG B 7 -0.86 -14.95 -1.56
N SER B 8 -0.59 -14.91 -0.27
CA SER B 8 -1.37 -14.10 0.66
C SER B 8 -0.47 -13.10 1.39
N ARG B 9 -0.78 -11.82 1.22
CA ARG B 9 0.00 -10.76 1.86
C ARG B 9 -0.73 -10.19 3.07
N TRP B 10 -1.64 -10.98 3.63
CA TRP B 10 -2.40 -10.55 4.79
C TRP B 10 -2.60 -11.70 5.77
N ASN B 11 -1.57 -11.98 6.57
CA ASN B 11 -1.63 -13.05 7.56
C ASN B 11 -1.62 -12.48 8.97
N GLN B 12 -1.40 -13.35 9.96
CA GLN B 12 -1.36 -12.92 11.36
C GLN B 12 -1.06 -14.10 12.27
N ASP B 13 -1.90 -15.13 12.21
CA ASP B 13 -1.73 -16.33 13.03
C ASP B 13 -1.75 -15.97 14.52
N GLY A 1 -10.93 7.93 11.62
CA GLY A 1 -12.08 7.67 10.77
C GLY A 1 -12.60 8.93 10.10
N HIS A 2 -12.04 9.25 8.93
CA HIS A 2 -12.45 10.43 8.18
C HIS A 2 -12.50 10.12 6.68
N PRO A 3 -13.50 9.33 6.24
CA PRO A 3 -13.65 8.96 4.83
C PRO A 3 -13.44 10.14 3.89
N THR A 4 -12.25 10.21 3.29
CA THR A 4 -11.92 11.28 2.38
C THR A 4 -12.00 10.80 0.93
N GLU A 5 -11.07 9.95 0.52
CA GLU A 5 -11.07 9.42 -0.84
C GLU A 5 -9.95 8.41 -1.08
N VAL A 6 -8.75 8.70 -0.59
CA VAL A 6 -7.63 7.79 -0.81
C VAL A 6 -7.17 7.15 0.51
N LEU A 7 -6.62 5.95 0.41
CA LEU A 7 -6.14 5.22 1.58
C LEU A 7 -4.62 5.33 1.71
N CYS A 8 -4.13 5.10 2.93
CA CYS A 8 -2.70 5.17 3.20
C CYS A 8 -2.27 4.03 4.11
N LEU A 9 -1.62 3.03 3.54
CA LEU A 9 -1.14 1.88 4.30
C LEU A 9 0.36 1.98 4.55
N MET A 10 0.73 2.22 5.80
CA MET A 10 2.14 2.35 6.16
C MET A 10 2.58 1.20 7.07
N ASN A 11 3.83 1.24 7.50
CA ASN A 11 4.38 0.20 8.37
C ASN A 11 4.12 -1.19 7.80
N MET A 12 4.65 -1.45 6.60
CA MET A 12 4.46 -2.74 5.95
C MET A 12 5.39 -2.88 4.75
N VAL A 13 6.45 -2.08 4.72
CA VAL A 13 7.41 -2.13 3.63
C VAL A 13 8.81 -1.75 4.09
N LEU A 14 9.81 -2.40 3.50
CA LEU A 14 11.20 -2.13 3.85
C LEU A 14 11.94 -1.54 2.65
N PRO A 15 12.90 -0.64 2.90
CA PRO A 15 13.67 -0.02 1.82
C PRO A 15 14.46 -1.03 1.01
N GLU A 16 14.85 -2.13 1.66
CA GLU A 16 15.61 -3.18 0.99
C GLU A 16 14.73 -3.88 -0.04
N GLU A 17 13.42 -3.68 0.07
CA GLU A 17 12.47 -4.28 -0.84
C GLU A 17 12.08 -3.30 -1.94
N LEU A 18 11.95 -2.03 -1.57
CA LEU A 18 11.58 -0.99 -2.52
C LEU A 18 12.82 -0.45 -3.22
N LEU A 19 13.78 -1.33 -3.46
CA LEU A 19 15.02 -0.94 -4.11
C LEU A 19 15.29 -1.81 -5.34
N ASP A 20 14.77 -3.04 -5.32
CA ASP A 20 14.94 -3.95 -6.44
C ASP A 20 13.91 -3.68 -7.52
N ASP A 21 14.21 -4.11 -8.75
CA ASP A 21 13.30 -3.90 -9.87
C ASP A 21 12.08 -4.82 -9.80
N GLU A 22 12.34 -6.12 -9.72
CA GLU A 22 11.26 -7.10 -9.65
C GLU A 22 10.60 -7.13 -8.28
N GLU A 23 11.40 -6.97 -7.23
CA GLU A 23 10.88 -6.98 -5.87
C GLU A 23 9.89 -5.83 -5.64
N TYR A 24 10.32 -4.62 -5.99
CA TYR A 24 9.48 -3.45 -5.82
C TYR A 24 8.20 -3.56 -6.65
N GLU A 25 8.37 -3.96 -7.91
CA GLU A 25 7.23 -4.12 -8.81
C GLU A 25 6.21 -5.07 -8.22
N GLU A 26 6.69 -6.03 -7.43
CA GLU A 26 5.82 -7.01 -6.79
C GLU A 26 5.09 -6.39 -5.60
N ILE A 27 5.75 -5.44 -4.94
CA ILE A 27 5.16 -4.77 -3.78
C ILE A 27 3.87 -4.06 -4.17
N VAL A 28 3.95 -3.22 -5.18
CA VAL A 28 2.79 -2.47 -5.66
C VAL A 28 1.75 -3.40 -6.26
N GLU A 29 2.16 -4.10 -7.29
CA GLU A 29 1.31 -5.04 -8.00
C GLU A 29 0.47 -5.89 -7.05
N ASP A 30 1.13 -6.58 -6.12
CA ASP A 30 0.43 -7.42 -5.15
C ASP A 30 -0.59 -6.62 -4.35
N VAL A 31 -0.12 -5.52 -3.76
CA VAL A 31 -0.98 -4.65 -2.96
C VAL A 31 -2.18 -4.18 -3.78
N ARG A 32 -2.01 -4.15 -5.10
CA ARG A 32 -3.08 -3.71 -6.00
C ARG A 32 -4.15 -4.79 -6.13
N ASP A 33 -3.73 -6.04 -6.25
CA ASP A 33 -4.66 -7.16 -6.38
C ASP A 33 -5.57 -7.25 -5.16
N GLU A 34 -5.01 -7.01 -3.98
CA GLU A 34 -5.77 -7.07 -2.74
C GLU A 34 -6.65 -5.83 -2.57
N CYS A 35 -6.12 -4.68 -2.97
CA CYS A 35 -6.87 -3.42 -2.85
C CYS A 35 -8.08 -3.44 -3.77
N SER A 36 -7.96 -4.15 -4.90
CA SER A 36 -9.05 -4.24 -5.86
C SER A 36 -9.97 -5.42 -5.55
N LYS A 37 -10.02 -5.81 -4.28
CA LYS A 37 -10.86 -6.93 -3.87
C LYS A 37 -12.10 -6.43 -3.14
N TYR A 38 -12.02 -5.20 -2.64
CA TYR A 38 -13.13 -4.59 -1.93
C TYR A 38 -13.81 -3.54 -2.79
N GLY A 39 -13.15 -3.18 -3.88
CA GLY A 39 -13.69 -2.18 -4.78
C GLY A 39 -12.74 -1.86 -5.92
N LEU A 40 -12.70 -0.58 -6.29
CA LEU A 40 -11.84 -0.14 -7.38
C LEU A 40 -10.74 0.79 -6.89
N VAL A 41 -9.49 0.47 -7.21
CA VAL A 41 -8.36 1.29 -6.81
C VAL A 41 -7.72 1.94 -8.04
N LYS A 42 -7.86 3.26 -8.14
CA LYS A 42 -7.32 4.00 -9.28
C LYS A 42 -5.85 3.65 -9.51
N SER A 43 -5.03 3.74 -8.46
CA SER A 43 -3.61 3.42 -8.59
C SER A 43 -2.92 3.33 -7.24
N ILE A 44 -1.61 3.07 -7.27
CA ILE A 44 -0.80 2.96 -6.06
C ILE A 44 0.54 3.67 -6.25
N GLU A 45 1.00 4.37 -5.21
CA GLU A 45 2.26 5.08 -5.28
C GLU A 45 3.15 4.71 -4.08
N ILE A 46 4.40 4.37 -4.39
CA ILE A 46 5.38 3.99 -3.37
C ILE A 46 6.75 4.57 -3.68
N PRO A 47 7.51 5.01 -2.65
CA PRO A 47 8.85 5.57 -2.85
C PRO A 47 9.82 4.53 -3.42
N ARG A 48 10.87 5.01 -4.09
CA ARG A 48 11.86 4.12 -4.69
C ARG A 48 13.25 4.74 -4.62
N PRO A 49 13.89 4.70 -3.44
CA PRO A 49 15.24 5.25 -3.25
C PRO A 49 16.22 4.73 -4.30
N VAL A 50 16.85 5.65 -5.04
CA VAL A 50 17.81 5.24 -6.07
C VAL A 50 19.08 4.71 -5.44
N ASP A 51 19.17 3.39 -5.32
CA ASP A 51 20.33 2.76 -4.71
C ASP A 51 20.49 3.32 -3.31
N GLY A 52 19.41 3.92 -2.82
CA GLY A 52 19.40 4.52 -1.51
C GLY A 52 19.44 6.04 -1.60
N VAL A 53 18.83 6.60 -2.65
CA VAL A 53 18.81 8.04 -2.83
C VAL A 53 17.60 8.69 -2.16
N GLU A 54 16.48 8.74 -2.87
CA GLU A 54 15.26 9.34 -2.34
C GLU A 54 14.67 8.51 -1.21
N VAL A 55 15.02 8.89 0.02
CA VAL A 55 14.50 8.21 1.21
C VAL A 55 13.95 9.23 2.19
N PRO A 56 12.92 9.99 1.78
CA PRO A 56 12.29 11.02 2.59
C PRO A 56 11.10 10.48 3.37
N GLY A 57 11.22 9.25 3.83
CA GLY A 57 10.15 8.62 4.58
C GLY A 57 9.74 7.29 3.99
N CYS A 58 10.67 6.67 3.27
CA CYS A 58 10.41 5.38 2.63
C CYS A 58 9.83 4.38 3.62
N GLY A 59 8.79 3.66 3.19
CA GLY A 59 8.16 2.68 4.06
C GLY A 59 6.69 2.96 4.27
N LYS A 60 6.13 3.85 3.45
CA LYS A 60 4.72 4.20 3.55
C LYS A 60 4.05 4.20 2.18
N ILE A 61 3.18 3.23 1.96
CA ILE A 61 2.47 3.12 0.68
C ILE A 61 1.09 3.75 0.76
N PHE A 62 0.64 4.32 -0.36
CA PHE A 62 -0.68 4.93 -0.41
C PHE A 62 -1.30 4.73 -1.78
N VAL A 63 -2.59 4.40 -1.80
CA VAL A 63 -3.30 4.14 -3.04
C VAL A 63 -4.45 5.13 -3.24
N GLU A 64 -4.72 5.43 -4.50
CA GLU A 64 -5.81 6.33 -4.84
C GLU A 64 -7.06 5.53 -5.15
N PHE A 65 -8.05 5.66 -4.27
CA PHE A 65 -9.32 4.94 -4.43
C PHE A 65 -10.31 5.75 -5.26
N THR A 66 -11.36 5.08 -5.73
CA THR A 66 -12.40 5.74 -6.52
C THR A 66 -13.54 6.23 -5.63
N SER A 67 -13.95 5.39 -4.69
CA SER A 67 -15.04 5.74 -3.78
C SER A 67 -14.65 5.42 -2.33
N VAL A 68 -15.07 6.28 -1.42
CA VAL A 68 -14.77 6.09 0.00
C VAL A 68 -15.57 4.93 0.58
N PHE A 69 -16.52 4.40 -0.20
CA PHE A 69 -17.34 3.29 0.24
C PHE A 69 -16.52 2.01 0.32
N ASP A 70 -15.84 1.70 -0.78
CA ASP A 70 -15.00 0.52 -0.84
C ASP A 70 -13.70 0.77 -0.09
N CYS A 71 -13.32 2.05 -0.02
CA CYS A 71 -12.10 2.44 0.67
C CYS A 71 -12.24 2.15 2.17
N GLN A 72 -13.41 2.44 2.71
CA GLN A 72 -13.69 2.21 4.12
C GLN A 72 -13.78 0.71 4.41
N LYS A 73 -14.46 -0.01 3.53
CA LYS A 73 -14.63 -1.45 3.69
C LYS A 73 -13.32 -2.19 3.42
N ALA A 74 -12.37 -1.49 2.80
CA ALA A 74 -11.07 -2.08 2.49
C ALA A 74 -10.16 -2.08 3.73
N MET A 75 -9.90 -0.90 4.26
CA MET A 75 -9.04 -0.76 5.43
C MET A 75 -9.62 -1.52 6.61
N GLN A 76 -10.94 -1.56 6.70
CA GLN A 76 -11.62 -2.26 7.79
C GLN A 76 -11.17 -3.71 7.88
N GLY A 77 -10.77 -4.28 6.75
CA GLY A 77 -10.32 -5.65 6.72
C GLY A 77 -8.80 -5.77 6.69
N LEU A 78 -8.13 -4.65 6.49
CA LEU A 78 -6.67 -4.62 6.44
C LEU A 78 -6.09 -4.21 7.79
N THR A 79 -6.96 -3.90 8.75
CA THR A 79 -6.52 -3.49 10.07
C THR A 79 -6.11 -4.70 10.91
N GLY A 80 -4.97 -4.57 11.59
CA GLY A 80 -4.47 -5.66 12.41
C GLY A 80 -4.00 -6.84 11.59
N ARG A 81 -3.25 -6.55 10.52
CA ARG A 81 -2.74 -7.60 9.65
C ARG A 81 -1.21 -7.69 9.75
N LYS A 82 -0.57 -8.03 8.64
CA LYS A 82 0.89 -8.15 8.60
C LYS A 82 1.36 -8.48 7.18
N PHE A 83 2.01 -7.51 6.54
CA PHE A 83 2.51 -7.71 5.17
C PHE A 83 3.39 -8.94 5.06
N ALA A 84 3.93 -9.37 6.20
CA ALA A 84 4.78 -10.55 6.25
C ALA A 84 5.11 -10.88 7.70
N ASN A 85 5.60 -9.89 8.43
CA ASN A 85 5.95 -10.05 9.83
C ASN A 85 5.84 -8.72 10.56
N ARG A 86 5.33 -7.71 9.87
CA ARG A 86 5.16 -6.38 10.44
C ARG A 86 3.75 -5.86 10.19
N VAL A 87 2.96 -5.80 11.25
CA VAL A 87 1.59 -5.34 11.17
C VAL A 87 1.48 -4.08 10.32
N VAL A 88 0.38 -3.95 9.60
CA VAL A 88 0.16 -2.81 8.74
C VAL A 88 -0.89 -1.85 9.28
N VAL A 89 -0.55 -0.57 9.33
CA VAL A 89 -1.45 0.45 9.81
C VAL A 89 -2.29 1.02 8.66
N THR A 90 -3.60 1.02 8.83
CA THR A 90 -4.51 1.52 7.80
C THR A 90 -5.09 2.88 8.21
N LYS A 91 -4.51 3.94 7.67
CA LYS A 91 -4.98 5.29 7.95
C LYS A 91 -5.43 5.98 6.67
N TYR A 92 -6.57 6.68 6.74
CA TYR A 92 -7.10 7.38 5.58
C TYR A 92 -6.19 8.52 5.15
N CYS A 93 -6.42 9.03 3.95
CA CYS A 93 -5.61 10.11 3.40
C CYS A 93 -6.44 11.00 2.47
N ASP A 94 -6.22 12.31 2.57
CA ASP A 94 -6.94 13.27 1.75
C ASP A 94 -6.22 13.53 0.43
N PRO A 95 -6.98 13.76 -0.66
CA PRO A 95 -6.41 14.02 -1.98
C PRO A 95 -5.44 15.20 -1.98
N ASP A 96 -5.53 16.03 -0.95
CA ASP A 96 -4.67 17.20 -0.82
C ASP A 96 -3.19 16.79 -0.78
N SER A 97 -2.74 16.36 0.39
CA SER A 97 -1.35 15.94 0.56
C SER A 97 -1.02 14.78 -0.37
N TYR A 98 -2.04 14.02 -0.75
CA TYR A 98 -1.86 12.89 -1.65
C TYR A 98 -1.26 13.37 -2.97
N HIS A 99 -1.98 14.25 -3.66
CA HIS A 99 -1.52 14.78 -4.92
C HIS A 99 -0.21 15.54 -4.71
N ARG A 100 0.01 15.98 -3.49
CA ARG A 100 1.23 16.70 -3.13
C ARG A 100 2.42 15.76 -3.14
N ARG A 101 2.15 14.47 -2.94
CA ARG A 101 3.22 13.47 -2.92
C ARG A 101 4.31 13.85 -1.94
N ASP A 102 3.92 14.53 -0.86
CA ASP A 102 4.86 14.96 0.16
C ASP A 102 5.76 13.81 0.61
N PHE A 103 5.28 12.59 0.43
CA PHE A 103 6.04 11.40 0.82
C PHE A 103 7.40 11.38 0.12
N TRP A 104 7.40 10.95 -1.14
CA TRP A 104 8.63 10.87 -1.91
C TRP A 104 8.65 11.94 -3.02
N PRO B 1 -4.46 -17.42 -4.41
CA PRO B 1 -3.15 -16.79 -4.60
C PRO B 1 -3.18 -15.72 -5.69
N SER B 2 -2.66 -14.54 -5.35
CA SER B 2 -2.63 -13.42 -6.29
C SER B 2 -1.69 -13.72 -7.45
N LYS B 3 -0.72 -14.61 -7.22
CA LYS B 3 0.24 -14.98 -8.25
C LYS B 3 0.30 -16.49 -8.42
N LYS B 4 0.89 -17.18 -7.45
CA LYS B 4 1.00 -18.62 -7.50
C LYS B 4 1.02 -19.22 -6.09
N ARG B 5 1.97 -18.76 -5.28
CA ARG B 5 2.11 -19.24 -3.92
C ARG B 5 1.91 -18.10 -2.92
N LYS B 6 1.13 -18.36 -1.87
CA LYS B 6 0.86 -17.36 -0.85
C LYS B 6 1.22 -17.89 0.53
N ARG B 7 2.51 -17.84 0.86
CA ARG B 7 3.00 -18.30 2.16
C ARG B 7 3.11 -17.14 3.13
N SER B 8 2.92 -15.92 2.63
CA SER B 8 2.99 -14.73 3.45
C SER B 8 1.97 -13.69 3.00
N ARG B 9 2.26 -12.41 3.25
CA ARG B 9 1.37 -11.32 2.86
C ARG B 9 0.04 -11.40 3.61
N TRP B 10 -0.26 -10.35 4.37
CA TRP B 10 -1.49 -10.28 5.14
C TRP B 10 -1.61 -11.49 6.07
N ASN B 11 -0.96 -11.39 7.23
CA ASN B 11 -0.99 -12.47 8.21
C ASN B 11 -1.93 -12.13 9.37
N GLN B 12 -1.90 -12.96 10.41
CA GLN B 12 -2.75 -12.76 11.58
C GLN B 12 -4.22 -12.69 11.18
N ASP B 13 -4.56 -13.32 10.06
CA ASP B 13 -5.93 -13.33 9.57
C ASP B 13 -6.83 -14.11 10.52
N GLY A 1 -11.62 7.00 12.33
CA GLY A 1 -12.05 6.81 10.96
C GLY A 1 -12.65 8.08 10.36
N HIS A 2 -12.06 8.55 9.26
CA HIS A 2 -12.53 9.75 8.59
C HIS A 2 -12.53 9.55 7.07
N PRO A 3 -13.48 8.72 6.57
CA PRO A 3 -13.60 8.44 5.13
C PRO A 3 -13.36 9.67 4.25
N THR A 4 -12.16 9.78 3.70
CA THR A 4 -11.82 10.90 2.85
C THR A 4 -11.95 10.53 1.38
N GLU A 5 -11.04 9.69 0.88
CA GLU A 5 -11.08 9.27 -0.52
C GLU A 5 -10.00 8.25 -0.85
N VAL A 6 -8.76 8.49 -0.40
CA VAL A 6 -7.68 7.56 -0.68
C VAL A 6 -7.28 6.77 0.55
N LEU A 7 -6.72 5.57 0.33
CA LEU A 7 -6.30 4.71 1.42
C LEU A 7 -4.81 4.83 1.69
N CYS A 8 -4.42 4.68 2.94
CA CYS A 8 -3.01 4.77 3.33
C CYS A 8 -2.53 3.45 3.93
N LEU A 9 -1.33 3.04 3.53
CA LEU A 9 -0.75 1.78 4.02
C LEU A 9 0.76 1.93 4.24
N MET A 10 1.16 2.11 5.49
CA MET A 10 2.58 2.26 5.82
C MET A 10 3.07 1.11 6.69
N ASN A 11 4.36 1.14 7.02
CA ASN A 11 4.97 0.11 7.86
C ASN A 11 4.72 -1.28 7.30
N MET A 12 4.64 -1.38 5.97
CA MET A 12 4.39 -2.66 5.31
C MET A 12 5.46 -2.95 4.27
N VAL A 13 6.22 -1.93 3.90
CA VAL A 13 7.28 -2.10 2.91
C VAL A 13 8.62 -1.58 3.43
N LEU A 14 9.70 -2.23 2.99
CA LEU A 14 11.05 -1.84 3.40
C LEU A 14 11.87 -1.44 2.17
N PRO A 15 12.93 -0.65 2.36
CA PRO A 15 13.78 -0.21 1.24
C PRO A 15 14.44 -1.38 0.53
N GLU A 16 14.52 -2.52 1.21
CA GLU A 16 15.12 -3.71 0.61
C GLU A 16 14.22 -4.27 -0.47
N GLU A 17 12.98 -3.77 -0.52
CA GLU A 17 12.01 -4.21 -1.51
C GLU A 17 11.79 -3.12 -2.56
N LEU A 18 11.84 -1.86 -2.12
CA LEU A 18 11.67 -0.73 -3.01
C LEU A 18 12.99 -0.36 -3.67
N LEU A 19 13.81 -1.36 -3.93
CA LEU A 19 15.12 -1.15 -4.54
C LEU A 19 15.35 -2.14 -5.68
N ASP A 20 14.87 -3.37 -5.49
CA ASP A 20 15.02 -4.40 -6.51
C ASP A 20 13.91 -4.30 -7.55
N ASP A 21 14.19 -4.82 -8.74
CA ASP A 21 13.21 -4.78 -9.83
C ASP A 21 12.05 -5.74 -9.57
N GLU A 22 12.38 -6.94 -9.10
CA GLU A 22 11.36 -7.95 -8.82
C GLU A 22 10.65 -7.67 -7.50
N GLU A 23 11.41 -7.25 -6.48
CA GLU A 23 10.84 -6.96 -5.17
C GLU A 23 9.88 -5.77 -5.24
N TYR A 24 10.30 -4.71 -5.92
CA TYR A 24 9.47 -3.52 -6.04
C TYR A 24 8.21 -3.82 -6.85
N GLU A 25 8.38 -4.46 -8.00
CA GLU A 25 7.25 -4.82 -8.85
C GLU A 25 6.30 -5.77 -8.12
N GLU A 26 6.86 -6.52 -7.18
CA GLU A 26 6.06 -7.46 -6.40
C GLU A 26 5.03 -6.73 -5.56
N ILE A 27 5.50 -5.80 -4.74
CA ILE A 27 4.61 -5.04 -3.87
C ILE A 27 3.51 -4.36 -4.67
N VAL A 28 3.90 -3.60 -5.68
CA VAL A 28 2.94 -2.89 -6.52
C VAL A 28 1.89 -3.84 -7.09
N GLU A 29 2.31 -5.05 -7.44
CA GLU A 29 1.41 -6.05 -8.00
C GLU A 29 0.39 -6.52 -6.96
N ASP A 30 0.88 -7.11 -5.88
CA ASP A 30 0.01 -7.60 -4.81
C ASP A 30 -0.88 -6.50 -4.27
N VAL A 31 -0.25 -5.40 -3.85
CA VAL A 31 -0.98 -4.26 -3.30
C VAL A 31 -2.10 -3.80 -4.24
N ARG A 32 -1.86 -3.90 -5.54
CA ARG A 32 -2.86 -3.49 -6.53
C ARG A 32 -3.99 -4.51 -6.62
N ASP A 33 -3.63 -5.78 -6.80
CA ASP A 33 -4.62 -6.85 -6.91
C ASP A 33 -5.48 -6.91 -5.66
N GLU A 34 -4.92 -6.49 -4.53
CA GLU A 34 -5.65 -6.50 -3.26
C GLU A 34 -6.65 -5.35 -3.20
N CYS A 35 -6.16 -4.14 -3.47
CA CYS A 35 -7.00 -2.95 -3.45
C CYS A 35 -8.11 -3.06 -4.48
N SER A 36 -7.87 -3.84 -5.53
CA SER A 36 -8.85 -4.03 -6.59
C SER A 36 -9.77 -5.22 -6.30
N LYS A 37 -9.92 -5.53 -5.01
CA LYS A 37 -10.77 -6.65 -4.60
C LYS A 37 -11.95 -6.15 -3.77
N TYR A 38 -11.83 -4.93 -3.26
CA TYR A 38 -12.89 -4.33 -2.46
C TYR A 38 -13.66 -3.30 -3.26
N GLY A 39 -13.04 -2.82 -4.35
CA GLY A 39 -13.69 -1.84 -5.19
C GLY A 39 -12.81 -1.40 -6.35
N LEU A 40 -12.78 -0.10 -6.61
CA LEU A 40 -11.98 0.45 -7.69
C LEU A 40 -10.84 1.32 -7.17
N VAL A 41 -9.64 1.09 -7.68
CA VAL A 41 -8.48 1.87 -7.27
C VAL A 41 -7.87 2.61 -8.46
N LYS A 42 -7.92 3.95 -8.41
CA LYS A 42 -7.40 4.79 -9.48
C LYS A 42 -5.95 4.44 -9.79
N SER A 43 -5.07 4.70 -8.83
CA SER A 43 -3.64 4.42 -9.00
C SER A 43 -2.99 4.06 -7.67
N ILE A 44 -1.67 3.91 -7.68
CA ILE A 44 -0.93 3.58 -6.47
C ILE A 44 0.44 4.26 -6.46
N GLU A 45 0.82 4.79 -5.31
CA GLU A 45 2.10 5.47 -5.17
C GLU A 45 2.97 4.75 -4.14
N ILE A 46 3.99 4.04 -4.62
CA ILE A 46 4.89 3.31 -3.75
C ILE A 46 6.35 3.69 -4.02
N PRO A 47 6.94 4.57 -3.18
CA PRO A 47 8.33 5.02 -3.35
C PRO A 47 9.29 3.89 -3.72
N ARG A 48 10.35 4.26 -4.42
CA ARG A 48 11.37 3.32 -4.87
C ARG A 48 12.74 4.00 -4.84
N PRO A 49 13.33 4.14 -3.64
CA PRO A 49 14.63 4.78 -3.46
C PRO A 49 15.67 4.34 -4.50
N VAL A 50 16.23 5.30 -5.21
CA VAL A 50 17.24 5.01 -6.23
C VAL A 50 18.58 4.73 -5.57
N ASP A 51 18.88 3.45 -5.39
CA ASP A 51 20.13 3.04 -4.76
C ASP A 51 20.22 3.66 -3.38
N GLY A 52 19.06 4.03 -2.87
CA GLY A 52 18.98 4.66 -1.57
C GLY A 52 18.76 6.15 -1.69
N VAL A 53 17.99 6.55 -2.71
CA VAL A 53 17.73 7.96 -2.96
C VAL A 53 16.52 8.46 -2.15
N GLU A 54 15.46 7.68 -2.14
CA GLU A 54 14.23 8.05 -1.43
C GLU A 54 14.09 7.28 -0.12
N VAL A 55 15.22 7.02 0.53
CA VAL A 55 15.22 6.30 1.80
C VAL A 55 14.55 7.13 2.90
N PRO A 56 14.86 8.43 2.97
CA PRO A 56 14.28 9.32 3.99
C PRO A 56 12.78 9.49 3.80
N GLY A 57 12.03 8.52 4.31
CA GLY A 57 10.58 8.55 4.18
C GLY A 57 10.06 7.26 3.56
N CYS A 58 10.99 6.43 3.08
CA CYS A 58 10.64 5.16 2.47
C CYS A 58 9.91 4.25 3.45
N GLY A 59 9.03 3.39 2.93
CA GLY A 59 8.30 2.47 3.77
C GLY A 59 6.83 2.85 3.89
N LYS A 60 6.52 4.10 3.55
CA LYS A 60 5.15 4.59 3.62
C LYS A 60 4.57 4.72 2.22
N ILE A 61 3.62 3.85 1.89
CA ILE A 61 3.00 3.88 0.57
C ILE A 61 1.48 3.89 0.69
N PHE A 62 0.78 4.05 -0.43
CA PHE A 62 -0.67 4.12 -0.41
C PHE A 62 -1.25 3.96 -1.80
N VAL A 63 -2.58 4.06 -1.89
CA VAL A 63 -3.26 3.93 -3.16
C VAL A 63 -4.37 4.96 -3.31
N GLU A 64 -4.51 5.50 -4.51
CA GLU A 64 -5.56 6.48 -4.78
C GLU A 64 -6.84 5.75 -5.17
N PHE A 65 -7.83 5.81 -4.30
CA PHE A 65 -9.10 5.14 -4.53
C PHE A 65 -10.06 6.03 -5.30
N THR A 66 -11.28 5.53 -5.49
CA THR A 66 -12.31 6.25 -6.22
C THR A 66 -13.50 6.59 -5.31
N SER A 67 -13.89 5.63 -4.48
CA SER A 67 -15.00 5.82 -3.56
C SER A 67 -14.62 5.42 -2.14
N VAL A 68 -15.08 6.20 -1.16
CA VAL A 68 -14.79 5.92 0.23
C VAL A 68 -15.53 4.69 0.72
N PHE A 69 -16.52 4.25 -0.05
CA PHE A 69 -17.31 3.08 0.32
C PHE A 69 -16.43 1.84 0.34
N ASP A 70 -15.77 1.57 -0.78
CA ASP A 70 -14.89 0.43 -0.89
C ASP A 70 -13.60 0.68 -0.11
N CYS A 71 -13.24 1.95 -0.01
CA CYS A 71 -12.03 2.35 0.72
C CYS A 71 -12.18 2.01 2.20
N GLN A 72 -13.41 2.09 2.69
CA GLN A 72 -13.71 1.81 4.09
C GLN A 72 -13.71 0.30 4.34
N LYS A 73 -14.41 -0.44 3.51
CA LYS A 73 -14.49 -1.89 3.65
C LYS A 73 -13.14 -2.53 3.34
N ALA A 74 -12.24 -1.74 2.75
CA ALA A 74 -10.91 -2.24 2.40
C ALA A 74 -9.98 -2.20 3.61
N MET A 75 -9.79 -1.00 4.16
CA MET A 75 -8.91 -0.83 5.32
C MET A 75 -9.39 -1.66 6.51
N GLN A 76 -10.70 -1.87 6.59
CA GLN A 76 -11.28 -2.65 7.67
C GLN A 76 -10.71 -4.07 7.70
N GLY A 77 -10.19 -4.51 6.56
CA GLY A 77 -9.63 -5.84 6.46
C GLY A 77 -8.12 -5.83 6.32
N LEU A 78 -7.56 -4.63 6.15
CA LEU A 78 -6.11 -4.49 6.00
C LEU A 78 -5.46 -4.05 7.31
N THR A 79 -6.28 -3.60 8.25
CA THR A 79 -5.78 -3.15 9.55
C THR A 79 -5.51 -4.33 10.48
N GLY A 80 -4.27 -4.45 10.96
CA GLY A 80 -3.92 -5.54 11.85
C GLY A 80 -3.27 -6.69 11.11
N ARG A 81 -3.24 -6.60 9.79
CA ARG A 81 -2.65 -7.65 8.96
C ARG A 81 -1.14 -7.69 9.13
N LYS A 82 -0.46 -8.41 8.24
CA LYS A 82 0.99 -8.52 8.30
C LYS A 82 1.58 -8.65 6.90
N PHE A 83 2.10 -7.55 6.38
CA PHE A 83 2.70 -7.54 5.05
C PHE A 83 4.17 -7.92 5.13
N ALA A 84 4.47 -9.18 4.86
CA ALA A 84 5.83 -9.70 4.88
C ALA A 84 6.37 -9.75 6.32
N ASN A 85 5.57 -10.31 7.22
CA ASN A 85 5.95 -10.43 8.63
C ASN A 85 6.07 -9.07 9.31
N ARG A 86 5.36 -8.07 8.78
CA ARG A 86 5.39 -6.72 9.33
C ARG A 86 3.98 -6.19 9.51
N VAL A 87 3.66 -5.73 10.72
CA VAL A 87 2.34 -5.19 11.00
C VAL A 87 2.01 -4.06 10.02
N VAL A 88 0.79 -4.10 9.48
CA VAL A 88 0.37 -3.09 8.52
C VAL A 88 -0.51 -2.03 9.17
N VAL A 89 -0.09 -0.77 9.06
CA VAL A 89 -0.84 0.34 9.62
C VAL A 89 -1.63 1.04 8.53
N THR A 90 -2.88 0.61 8.35
CA THR A 90 -3.75 1.19 7.34
C THR A 90 -4.67 2.25 7.93
N LYS A 91 -4.81 3.36 7.22
CA LYS A 91 -5.66 4.46 7.66
C LYS A 91 -6.26 5.19 6.46
N TYR A 92 -6.77 6.40 6.70
CA TYR A 92 -7.37 7.19 5.63
C TYR A 92 -6.51 8.41 5.32
N CYS A 93 -6.42 8.74 4.03
CA CYS A 93 -5.63 9.88 3.59
C CYS A 93 -6.43 10.79 2.67
N ASP A 94 -6.15 12.08 2.72
CA ASP A 94 -6.85 13.05 1.89
C ASP A 94 -6.22 13.15 0.51
N PRO A 95 -7.04 13.08 -0.56
CA PRO A 95 -6.55 13.18 -1.93
C PRO A 95 -5.72 14.43 -2.17
N ASP A 96 -5.92 15.43 -1.32
CA ASP A 96 -5.19 16.69 -1.43
C ASP A 96 -3.70 16.46 -1.17
N SER A 97 -3.36 16.20 0.09
CA SER A 97 -1.97 15.96 0.47
C SER A 97 -1.35 14.87 -0.38
N TYR A 98 -2.15 13.86 -0.72
CA TYR A 98 -1.69 12.76 -1.54
C TYR A 98 -1.15 13.29 -2.86
N HIS A 99 -1.93 14.14 -3.51
CA HIS A 99 -1.53 14.74 -4.78
C HIS A 99 -0.24 15.53 -4.61
N ARG A 100 -0.05 16.08 -3.42
CA ARG A 100 1.15 16.86 -3.12
C ARG A 100 2.32 15.93 -2.85
N ARG A 101 2.02 14.65 -2.63
CA ARG A 101 3.05 13.65 -2.36
C ARG A 101 3.83 13.99 -1.10
N ASP A 102 3.15 14.62 -0.15
CA ASP A 102 3.78 15.01 1.11
C ASP A 102 3.68 13.87 2.13
N PHE A 103 2.98 12.81 1.74
CA PHE A 103 2.81 11.64 2.59
C PHE A 103 2.01 11.99 3.84
N TRP A 104 0.77 11.51 3.90
CA TRP A 104 -0.11 11.75 5.04
C TRP A 104 -0.52 13.22 5.10
N PRO B 1 3.38 -17.02 -14.40
CA PRO B 1 4.25 -17.87 -13.55
C PRO B 1 4.93 -17.08 -12.44
N SER B 2 5.83 -17.75 -11.72
CA SER B 2 6.56 -17.12 -10.62
C SER B 2 5.61 -16.69 -9.51
N LYS B 3 6.17 -16.14 -8.43
CA LYS B 3 5.39 -15.68 -7.30
C LYS B 3 4.55 -16.81 -6.72
N LYS B 4 5.01 -18.04 -6.91
CA LYS B 4 4.29 -19.21 -6.40
C LYS B 4 5.13 -19.94 -5.35
N ARG B 5 6.40 -19.54 -5.23
CA ARG B 5 7.30 -20.15 -4.27
C ARG B 5 7.18 -19.48 -2.90
N LYS B 6 7.42 -18.17 -2.87
CA LYS B 6 7.34 -17.41 -1.63
C LYS B 6 5.89 -17.06 -1.30
N ARG B 7 5.61 -16.89 -0.01
CA ARG B 7 4.26 -16.56 0.44
C ARG B 7 4.22 -15.14 1.01
N SER B 8 4.12 -15.02 2.33
CA SER B 8 4.06 -13.71 2.99
C SER B 8 2.94 -12.86 2.41
N ARG B 9 2.98 -11.56 2.73
CA ARG B 9 1.97 -10.62 2.25
C ARG B 9 0.58 -10.98 2.77
N TRP B 10 0.04 -10.11 3.63
CA TRP B 10 -1.29 -10.33 4.22
C TRP B 10 -1.34 -11.68 4.94
N ASN B 11 -0.89 -11.67 6.20
CA ASN B 11 -0.89 -12.88 7.01
C ASN B 11 -1.58 -12.64 8.34
N GLN B 12 -1.31 -11.48 8.95
CA GLN B 12 -1.90 -11.10 10.23
C GLN B 12 -1.24 -11.86 11.38
N ASP B 13 -1.33 -13.19 11.34
CA ASP B 13 -0.75 -14.03 12.37
C ASP B 13 0.64 -14.50 11.97
N GLY A 1 -12.64 8.11 13.53
CA GLY A 1 -13.23 7.82 12.23
C GLY A 1 -13.48 9.08 11.42
N HIS A 2 -13.19 9.00 10.12
CA HIS A 2 -13.37 10.13 9.22
C HIS A 2 -12.94 9.72 7.81
N PRO A 3 -13.91 9.45 6.92
CA PRO A 3 -13.62 9.05 5.55
C PRO A 3 -13.36 10.23 4.64
N THR A 4 -12.51 10.03 3.63
CA THR A 4 -12.16 11.08 2.69
C THR A 4 -12.20 10.57 1.26
N GLU A 5 -11.17 9.84 0.86
CA GLU A 5 -11.09 9.28 -0.50
C GLU A 5 -9.82 8.45 -0.71
N VAL A 6 -8.69 8.98 -0.28
CA VAL A 6 -7.41 8.28 -0.44
C VAL A 6 -7.13 7.37 0.77
N LEU A 7 -6.41 6.28 0.52
CA LEU A 7 -6.06 5.33 1.58
C LEU A 7 -4.55 5.12 1.66
N CYS A 8 -3.92 5.75 2.64
CA CYS A 8 -2.48 5.62 2.83
C CYS A 8 -2.13 4.36 3.60
N LEU A 9 -0.92 3.86 3.40
CA LEU A 9 -0.46 2.65 4.08
C LEU A 9 0.97 2.82 4.59
N MET A 10 1.18 2.51 5.87
CA MET A 10 2.50 2.62 6.48
C MET A 10 2.90 1.31 7.14
N ASN A 11 4.22 1.12 7.30
CA ASN A 11 4.74 -0.10 7.92
C ASN A 11 4.27 -1.34 7.18
N MET A 12 4.17 -1.22 5.85
CA MET A 12 3.73 -2.33 5.01
C MET A 12 4.72 -2.59 3.87
N VAL A 13 5.84 -1.87 3.89
CA VAL A 13 6.84 -2.02 2.85
C VAL A 13 8.23 -1.63 3.36
N LEU A 14 9.21 -2.50 3.11
CA LEU A 14 10.58 -2.25 3.52
C LEU A 14 11.37 -1.60 2.39
N PRO A 15 12.33 -0.71 2.71
CA PRO A 15 13.13 -0.02 1.69
C PRO A 15 13.96 -1.00 0.86
N GLU A 16 14.55 -1.98 1.54
CA GLU A 16 15.37 -2.99 0.87
C GLU A 16 14.52 -3.84 -0.08
N GLU A 17 13.20 -3.71 0.04
CA GLU A 17 12.28 -4.46 -0.81
C GLU A 17 11.89 -3.66 -2.04
N LEU A 18 11.79 -2.35 -1.89
CA LEU A 18 11.41 -1.48 -2.99
C LEU A 18 12.65 -0.94 -3.69
N LEU A 19 13.71 -1.74 -3.73
CA LEU A 19 14.94 -1.35 -4.35
C LEU A 19 15.27 -2.27 -5.53
N ASP A 20 14.80 -3.51 -5.46
CA ASP A 20 15.03 -4.49 -6.51
C ASP A 20 13.93 -4.39 -7.57
N ASP A 21 14.19 -4.94 -8.74
CA ASP A 21 13.23 -4.91 -9.84
C ASP A 21 12.12 -5.94 -9.62
N GLU A 22 12.52 -7.17 -9.29
CA GLU A 22 11.57 -8.25 -9.08
C GLU A 22 10.85 -8.12 -7.74
N GLU A 23 11.58 -7.66 -6.73
CA GLU A 23 11.02 -7.50 -5.39
C GLU A 23 9.99 -6.37 -5.33
N TYR A 24 10.37 -5.20 -5.84
CA TYR A 24 9.49 -4.05 -5.82
C TYR A 24 8.24 -4.30 -6.67
N GLU A 25 8.45 -4.75 -7.90
CA GLU A 25 7.34 -5.03 -8.81
C GLU A 25 6.39 -6.06 -8.22
N GLU A 26 6.93 -7.00 -7.46
CA GLU A 26 6.13 -8.04 -6.83
C GLU A 26 5.14 -7.45 -5.84
N ILE A 27 5.63 -6.57 -4.96
CA ILE A 27 4.78 -5.94 -3.97
C ILE A 27 3.69 -5.09 -4.62
N VAL A 28 4.10 -4.15 -5.47
CA VAL A 28 3.17 -3.27 -6.16
C VAL A 28 2.06 -4.06 -6.87
N GLU A 29 2.43 -5.17 -7.50
CA GLU A 29 1.48 -6.00 -8.22
C GLU A 29 0.44 -6.63 -7.28
N ASP A 30 0.91 -7.45 -6.35
CA ASP A 30 0.03 -8.12 -5.40
C ASP A 30 -0.80 -7.11 -4.60
N VAL A 31 -0.12 -6.12 -4.03
CA VAL A 31 -0.76 -5.09 -3.23
C VAL A 31 -1.90 -4.41 -4.02
N ARG A 32 -1.67 -4.16 -5.30
CA ARG A 32 -2.68 -3.53 -6.14
C ARG A 32 -3.86 -4.45 -6.37
N ASP A 33 -3.58 -5.73 -6.61
CA ASP A 33 -4.63 -6.71 -6.84
C ASP A 33 -5.43 -6.94 -5.57
N GLU A 34 -4.81 -6.70 -4.42
CA GLU A 34 -5.47 -6.86 -3.13
C GLU A 34 -6.43 -5.71 -2.87
N CYS A 35 -6.03 -4.51 -3.25
CA CYS A 35 -6.85 -3.32 -3.05
C CYS A 35 -8.07 -3.37 -3.96
N SER A 36 -7.91 -4.01 -5.12
CA SER A 36 -9.00 -4.14 -6.09
C SER A 36 -9.83 -5.38 -5.82
N LYS A 37 -9.94 -5.77 -4.56
CA LYS A 37 -10.70 -6.95 -4.17
C LYS A 37 -11.99 -6.55 -3.45
N TYR A 38 -12.02 -5.31 -2.97
CA TYR A 38 -13.18 -4.79 -2.26
C TYR A 38 -13.90 -3.74 -3.08
N GLY A 39 -13.33 -3.39 -4.23
CA GLY A 39 -13.94 -2.40 -5.10
C GLY A 39 -13.05 -2.00 -6.25
N LEU A 40 -13.06 -0.71 -6.58
CA LEU A 40 -12.25 -0.19 -7.68
C LEU A 40 -11.16 0.75 -7.16
N VAL A 41 -9.92 0.49 -7.55
CA VAL A 41 -8.80 1.32 -7.13
C VAL A 41 -8.13 1.97 -8.35
N LYS A 42 -7.97 3.29 -8.28
CA LYS A 42 -7.35 4.03 -9.37
C LYS A 42 -5.91 3.55 -9.60
N SER A 43 -5.11 3.59 -8.54
CA SER A 43 -3.71 3.16 -8.62
C SER A 43 -3.06 3.16 -7.25
N ILE A 44 -1.79 2.78 -7.21
CA ILE A 44 -1.04 2.73 -5.95
C ILE A 44 0.33 3.39 -6.12
N GLU A 45 0.62 4.39 -5.29
CA GLU A 45 1.89 5.08 -5.35
C GLU A 45 2.90 4.43 -4.40
N ILE A 46 3.96 3.89 -4.98
CA ILE A 46 5.00 3.21 -4.21
C ILE A 46 6.40 3.58 -4.71
N PRO A 47 7.14 4.43 -3.96
CA PRO A 47 8.48 4.86 -4.36
C PRO A 47 9.40 3.70 -4.72
N ARG A 48 10.48 4.00 -5.43
CA ARG A 48 11.45 2.98 -5.84
C ARG A 48 12.86 3.57 -5.85
N PRO A 49 13.49 3.70 -4.66
CA PRO A 49 14.85 4.23 -4.55
C PRO A 49 15.86 3.39 -5.31
N VAL A 50 16.79 4.05 -5.99
CA VAL A 50 17.80 3.32 -6.76
C VAL A 50 18.89 2.76 -5.85
N ASP A 51 18.75 1.50 -5.50
CA ASP A 51 19.71 0.85 -4.62
C ASP A 51 19.80 1.63 -3.33
N GLY A 52 18.75 2.42 -3.09
CA GLY A 52 18.68 3.27 -1.92
C GLY A 52 19.00 4.71 -2.26
N VAL A 53 18.66 5.12 -3.48
CA VAL A 53 18.94 6.48 -3.92
C VAL A 53 17.82 7.45 -3.51
N GLU A 54 16.67 7.33 -4.16
CA GLU A 54 15.54 8.21 -3.88
C GLU A 54 14.80 7.78 -2.63
N VAL A 55 15.20 8.33 -1.48
CA VAL A 55 14.57 8.03 -0.21
C VAL A 55 13.97 9.28 0.41
N PRO A 56 12.92 9.83 -0.21
CA PRO A 56 12.23 11.03 0.25
C PRO A 56 11.02 10.70 1.12
N GLY A 57 11.15 9.64 1.90
CA GLY A 57 10.07 9.20 2.76
C GLY A 57 9.69 7.75 2.50
N CYS A 58 10.65 6.98 1.99
CA CYS A 58 10.42 5.57 1.69
C CYS A 58 9.91 4.82 2.92
N GLY A 59 9.16 3.75 2.68
CA GLY A 59 8.63 2.96 3.77
C GLY A 59 7.13 3.17 3.95
N LYS A 60 6.62 4.23 3.33
CA LYS A 60 5.20 4.55 3.40
C LYS A 60 4.62 4.76 2.01
N ILE A 61 3.73 3.87 1.60
CA ILE A 61 3.11 3.95 0.28
C ILE A 61 1.59 4.06 0.42
N PHE A 62 0.95 4.73 -0.53
CA PHE A 62 -0.50 4.94 -0.45
C PHE A 62 -1.25 4.35 -1.64
N VAL A 63 -2.57 4.51 -1.59
CA VAL A 63 -3.45 3.98 -2.62
C VAL A 63 -4.54 4.98 -2.98
N GLU A 64 -4.67 5.28 -4.27
CA GLU A 64 -5.70 6.21 -4.73
C GLU A 64 -6.95 5.42 -5.08
N PHE A 65 -7.99 5.59 -4.28
CA PHE A 65 -9.24 4.88 -4.49
C PHE A 65 -10.19 5.66 -5.40
N THR A 66 -11.35 5.08 -5.66
CA THR A 66 -12.35 5.72 -6.50
C THR A 66 -13.58 6.12 -5.69
N SER A 67 -13.92 5.29 -4.71
CA SER A 67 -15.07 5.55 -3.85
C SER A 67 -14.75 5.21 -2.39
N VAL A 68 -15.24 6.03 -1.46
CA VAL A 68 -15.00 5.80 -0.05
C VAL A 68 -15.76 4.59 0.47
N PHE A 69 -16.72 4.11 -0.31
CA PHE A 69 -17.51 2.95 0.10
C PHE A 69 -16.63 1.71 0.16
N ASP A 70 -15.98 1.39 -0.96
CA ASP A 70 -15.10 0.24 -1.03
C ASP A 70 -13.83 0.50 -0.22
N CYS A 71 -13.45 1.78 -0.14
CA CYS A 71 -12.25 2.18 0.60
C CYS A 71 -12.42 1.80 2.07
N GLN A 72 -13.63 2.03 2.58
CA GLN A 72 -13.97 1.71 3.96
C GLN A 72 -13.87 0.22 4.20
N LYS A 73 -14.66 -0.54 3.43
CA LYS A 73 -14.70 -1.98 3.55
C LYS A 73 -13.36 -2.61 3.16
N ALA A 74 -12.45 -1.79 2.64
CA ALA A 74 -11.13 -2.26 2.24
C ALA A 74 -10.20 -2.37 3.44
N MET A 75 -9.93 -1.23 4.06
CA MET A 75 -9.04 -1.19 5.22
C MET A 75 -9.68 -1.93 6.40
N GLN A 76 -10.99 -2.12 6.34
CA GLN A 76 -11.71 -2.81 7.40
C GLN A 76 -11.36 -4.30 7.44
N GLY A 77 -10.43 -4.70 6.57
CA GLY A 77 -10.02 -6.10 6.52
C GLY A 77 -8.52 -6.27 6.40
N LEU A 78 -7.84 -5.27 5.82
CA LEU A 78 -6.40 -5.34 5.65
C LEU A 78 -5.67 -4.55 6.74
N THR A 79 -6.42 -4.09 7.74
CA THR A 79 -5.83 -3.34 8.84
C THR A 79 -5.61 -4.24 10.06
N GLY A 80 -4.44 -4.10 10.68
CA GLY A 80 -4.13 -4.91 11.84
C GLY A 80 -3.56 -6.27 11.47
N ARG A 81 -3.49 -6.53 10.17
CA ARG A 81 -2.97 -7.80 9.67
C ARG A 81 -1.44 -7.79 9.70
N LYS A 82 -0.82 -8.43 8.71
CA LYS A 82 0.64 -8.51 8.64
C LYS A 82 1.10 -8.72 7.20
N PHE A 83 1.86 -7.76 6.69
CA PHE A 83 2.37 -7.84 5.32
C PHE A 83 3.14 -9.14 5.11
N ALA A 84 3.89 -9.55 6.14
CA ALA A 84 4.67 -10.77 6.07
C ALA A 84 5.13 -11.21 7.47
N ASN A 85 5.52 -10.24 8.29
CA ASN A 85 5.97 -10.52 9.65
C ASN A 85 5.98 -9.26 10.51
N ARG A 86 5.34 -8.21 10.02
CA ARG A 86 5.29 -6.96 10.76
C ARG A 86 3.89 -6.35 10.68
N VAL A 87 3.44 -5.74 11.77
CA VAL A 87 2.12 -5.14 11.82
C VAL A 87 1.98 -4.07 10.74
N VAL A 88 0.76 -3.87 10.26
CA VAL A 88 0.48 -2.89 9.22
C VAL A 88 -0.42 -1.78 9.75
N VAL A 89 0.08 -0.54 9.70
CA VAL A 89 -0.68 0.60 10.17
C VAL A 89 -1.28 1.38 8.99
N THR A 90 -2.61 1.40 8.92
CA THR A 90 -3.30 2.11 7.85
C THR A 90 -3.78 3.48 8.31
N LYS A 91 -3.85 4.43 7.37
CA LYS A 91 -4.28 5.78 7.68
C LYS A 91 -4.94 6.42 6.45
N TYR A 92 -6.19 6.86 6.63
CA TYR A 92 -6.93 7.49 5.55
C TYR A 92 -6.27 8.81 5.13
N CYS A 93 -5.99 8.94 3.83
CA CYS A 93 -5.37 10.16 3.31
C CYS A 93 -6.39 11.02 2.59
N ASP A 94 -6.25 12.33 2.73
CA ASP A 94 -7.16 13.28 2.10
C ASP A 94 -6.63 13.76 0.75
N PRO A 95 -7.53 14.13 -0.18
CA PRO A 95 -7.14 14.60 -1.51
C PRO A 95 -6.20 15.80 -1.44
N ASP A 96 -6.10 16.40 -0.26
CA ASP A 96 -5.24 17.56 -0.07
C ASP A 96 -3.78 17.14 0.07
N SER A 97 -3.42 16.58 1.24
CA SER A 97 -2.06 16.14 1.49
C SER A 97 -1.57 15.18 0.41
N TYR A 98 -2.43 14.23 0.05
CA TYR A 98 -2.08 13.25 -0.98
C TYR A 98 -1.61 13.96 -2.24
N HIS A 99 -2.41 14.89 -2.72
CA HIS A 99 -2.08 15.66 -3.92
C HIS A 99 -0.73 16.35 -3.75
N ARG A 100 -0.43 16.78 -2.53
CA ARG A 100 0.83 17.45 -2.25
C ARG A 100 2.00 16.49 -2.46
N ARG A 101 1.71 15.20 -2.32
CA ARG A 101 2.73 14.16 -2.50
C ARG A 101 3.84 14.31 -1.47
N ASP A 102 3.45 14.59 -0.22
CA ASP A 102 4.40 14.76 0.87
C ASP A 102 5.41 13.59 0.90
N PHE A 103 5.00 12.45 0.35
CA PHE A 103 5.86 11.28 0.32
C PHE A 103 6.71 11.26 -0.95
N TRP A 104 6.08 10.84 -2.06
CA TRP A 104 6.77 10.78 -3.34
C TRP A 104 5.79 10.46 -4.47
N PRO B 1 1.78 -18.48 -14.33
CA PRO B 1 2.57 -18.88 -13.17
C PRO B 1 2.69 -17.78 -12.14
N SER B 2 2.81 -18.17 -10.87
CA SER B 2 2.94 -17.20 -9.78
C SER B 2 1.70 -16.31 -9.69
N LYS B 3 1.66 -15.46 -8.67
CA LYS B 3 0.53 -14.55 -8.48
C LYS B 3 -0.78 -15.32 -8.40
N LYS B 4 -0.74 -16.49 -7.74
CA LYS B 4 -1.92 -17.32 -7.60
C LYS B 4 -1.88 -18.07 -6.26
N ARG B 5 -0.74 -18.04 -5.61
CA ARG B 5 -0.58 -18.72 -4.31
C ARG B 5 -1.40 -18.03 -3.24
N LYS B 6 -1.86 -18.80 -2.26
CA LYS B 6 -2.65 -18.26 -1.17
C LYS B 6 -1.76 -17.73 -0.06
N ARG B 7 -2.38 -17.24 1.02
CA ARG B 7 -1.67 -16.69 2.17
C ARG B 7 -0.44 -15.89 1.74
N SER B 8 -0.57 -15.13 0.66
CA SER B 8 0.52 -14.32 0.15
C SER B 8 0.78 -13.13 1.06
N ARG B 9 -0.27 -12.36 1.34
CA ARG B 9 -0.15 -11.19 2.21
C ARG B 9 -1.26 -11.18 3.25
N TRP B 10 -1.17 -10.24 4.19
CA TRP B 10 -2.16 -10.11 5.25
C TRP B 10 -2.36 -11.45 5.99
N ASN B 11 -1.35 -11.84 6.75
CA ASN B 11 -1.40 -13.09 7.50
C ASN B 11 -2.28 -12.94 8.74
N GLN B 12 -2.10 -13.83 9.71
CA GLN B 12 -2.87 -13.80 10.94
C GLN B 12 -4.37 -13.90 10.66
N ASP B 13 -4.71 -14.49 9.52
CA ASP B 13 -6.11 -14.64 9.12
C ASP B 13 -6.33 -16.00 8.43
N GLY A 1 -12.49 11.55 11.05
CA GLY A 1 -12.86 12.95 10.93
C GLY A 1 -13.58 13.25 9.64
N HIS A 2 -13.22 12.52 8.58
CA HIS A 2 -13.84 12.70 7.28
C HIS A 2 -13.45 11.56 6.34
N PRO A 3 -14.38 11.10 5.49
CA PRO A 3 -14.12 10.02 4.56
C PRO A 3 -13.48 10.49 3.25
N THR A 4 -12.31 9.94 2.95
CA THR A 4 -11.59 10.30 1.74
C THR A 4 -11.46 9.08 0.83
N GLU A 5 -10.85 9.25 -0.35
CA GLU A 5 -10.72 8.16 -1.29
C GLU A 5 -9.27 7.68 -1.47
N VAL A 6 -8.40 7.92 -0.50
CA VAL A 6 -7.02 7.43 -0.63
C VAL A 6 -6.58 6.74 0.66
N LEU A 7 -6.22 5.46 0.55
CA LEU A 7 -5.80 4.67 1.69
C LEU A 7 -4.30 4.74 1.89
N CYS A 8 -3.87 4.70 3.15
CA CYS A 8 -2.45 4.75 3.48
C CYS A 8 -1.98 3.42 4.05
N LEU A 9 -0.76 3.02 3.69
CA LEU A 9 -0.19 1.76 4.16
C LEU A 9 1.23 1.96 4.66
N MET A 10 1.42 1.80 5.96
CA MET A 10 2.74 1.97 6.58
C MET A 10 3.18 0.68 7.26
N ASN A 11 4.48 0.58 7.53
CA ASN A 11 5.06 -0.60 8.18
C ASN A 11 4.74 -1.86 7.38
N MET A 12 4.87 -1.77 6.07
CA MET A 12 4.61 -2.91 5.19
C MET A 12 5.50 -2.85 3.95
N VAL A 13 6.51 -1.99 3.99
CA VAL A 13 7.44 -1.84 2.87
C VAL A 13 8.79 -1.32 3.35
N LEU A 14 9.81 -2.16 3.29
CA LEU A 14 11.15 -1.77 3.71
C LEU A 14 11.93 -1.20 2.51
N PRO A 15 12.93 -0.34 2.78
CA PRO A 15 13.73 0.27 1.70
C PRO A 15 14.52 -0.76 0.92
N GLU A 16 14.83 -1.89 1.57
CA GLU A 16 15.58 -2.96 0.92
C GLU A 16 14.67 -3.78 0.02
N GLU A 17 13.40 -3.40 -0.03
CA GLU A 17 12.41 -4.10 -0.85
C GLU A 17 11.93 -3.20 -1.99
N LEU A 18 12.03 -1.89 -1.78
CA LEU A 18 11.61 -0.93 -2.79
C LEU A 18 12.82 -0.41 -3.57
N LEU A 19 13.80 -1.28 -3.75
CA LEU A 19 15.02 -0.92 -4.47
C LEU A 19 15.26 -1.88 -5.63
N ASP A 20 14.72 -3.08 -5.52
CA ASP A 20 14.88 -4.09 -6.56
C ASP A 20 13.71 -4.04 -7.54
N ASP A 21 14.00 -4.33 -8.81
CA ASP A 21 12.97 -4.30 -9.85
C ASP A 21 11.97 -5.43 -9.66
N GLU A 22 12.44 -6.57 -9.17
CA GLU A 22 11.59 -7.74 -8.96
C GLU A 22 10.73 -7.54 -7.71
N GLU A 23 11.37 -7.18 -6.61
CA GLU A 23 10.68 -6.96 -5.36
C GLU A 23 9.62 -5.86 -5.51
N TYR A 24 9.95 -4.83 -6.28
CA TYR A 24 9.04 -3.72 -6.52
C TYR A 24 7.76 -4.19 -7.21
N GLU A 25 7.91 -4.74 -8.41
CA GLU A 25 6.77 -5.23 -9.19
C GLU A 25 5.94 -6.22 -8.39
N GLU A 26 6.58 -6.91 -7.44
CA GLU A 26 5.90 -7.89 -6.60
C GLU A 26 4.88 -7.22 -5.68
N ILE A 27 5.32 -6.14 -5.02
CA ILE A 27 4.45 -5.42 -4.10
C ILE A 27 3.38 -4.63 -4.84
N VAL A 28 3.81 -3.82 -5.80
CA VAL A 28 2.87 -3.01 -6.59
C VAL A 28 1.71 -3.85 -7.12
N GLU A 29 2.03 -5.03 -7.64
CA GLU A 29 1.01 -5.92 -8.20
C GLU A 29 0.09 -6.47 -7.12
N ASP A 30 0.68 -7.04 -6.07
CA ASP A 30 -0.09 -7.61 -4.97
C ASP A 30 -0.97 -6.55 -4.29
N VAL A 31 -0.32 -5.50 -3.79
CA VAL A 31 -1.02 -4.41 -3.11
C VAL A 31 -2.18 -3.89 -3.97
N ARG A 32 -1.98 -3.88 -5.29
CA ARG A 32 -3.02 -3.42 -6.21
C ARG A 32 -4.12 -4.47 -6.37
N ASP A 33 -3.72 -5.74 -6.34
CA ASP A 33 -4.66 -6.83 -6.48
C ASP A 33 -5.65 -6.87 -5.31
N GLU A 34 -5.11 -6.77 -4.10
CA GLU A 34 -5.94 -6.78 -2.90
C GLU A 34 -6.82 -5.53 -2.84
N CYS A 35 -6.23 -4.39 -3.17
CA CYS A 35 -6.96 -3.14 -3.16
C CYS A 35 -8.12 -3.17 -4.15
N SER A 36 -7.93 -3.93 -5.24
CA SER A 36 -8.95 -4.06 -6.26
C SER A 36 -9.88 -5.23 -5.97
N LYS A 37 -10.07 -5.53 -4.68
CA LYS A 37 -10.94 -6.62 -4.27
C LYS A 37 -12.13 -6.09 -3.50
N TYR A 38 -12.03 -4.84 -3.05
CA TYR A 38 -13.10 -4.20 -2.30
C TYR A 38 -13.82 -3.18 -3.18
N GLY A 39 -13.22 -2.86 -4.31
CA GLY A 39 -13.81 -1.89 -5.22
C GLY A 39 -12.87 -1.50 -6.35
N LEU A 40 -12.84 -0.20 -6.65
CA LEU A 40 -11.99 0.31 -7.72
C LEU A 40 -10.90 1.23 -7.15
N VAL A 41 -9.68 1.04 -7.64
CA VAL A 41 -8.55 1.84 -7.19
C VAL A 41 -7.88 2.53 -8.39
N LYS A 42 -7.81 3.86 -8.34
CA LYS A 42 -7.22 4.64 -9.42
C LYS A 42 -5.79 4.19 -9.71
N SER A 43 -4.88 4.52 -8.80
CA SER A 43 -3.48 4.16 -8.96
C SER A 43 -2.84 3.88 -7.60
N ILE A 44 -1.51 3.76 -7.59
CA ILE A 44 -0.78 3.51 -6.37
C ILE A 44 0.58 4.21 -6.38
N GLU A 45 0.91 4.89 -5.30
CA GLU A 45 2.18 5.59 -5.18
C GLU A 45 3.10 4.88 -4.18
N ILE A 46 4.17 4.29 -4.71
CA ILE A 46 5.12 3.56 -3.87
C ILE A 46 6.55 3.98 -4.18
N PRO A 47 7.13 4.90 -3.38
CA PRO A 47 8.50 5.37 -3.57
C PRO A 47 9.46 4.30 -4.07
N ARG A 48 10.44 4.70 -4.86
CA ARG A 48 11.41 3.78 -5.41
C ARG A 48 12.79 4.43 -5.53
N PRO A 49 13.51 4.55 -4.39
CA PRO A 49 14.84 5.17 -4.36
C PRO A 49 15.77 4.56 -5.41
N VAL A 50 16.48 5.42 -6.16
CA VAL A 50 17.40 4.93 -7.18
C VAL A 50 18.73 4.56 -6.57
N ASP A 51 18.91 3.27 -6.29
CA ASP A 51 20.14 2.79 -5.69
C ASP A 51 20.38 3.54 -4.39
N GLY A 52 19.29 4.15 -3.90
CA GLY A 52 19.35 4.92 -2.69
C GLY A 52 19.25 6.41 -2.98
N VAL A 53 18.52 6.77 -4.03
CA VAL A 53 18.36 8.17 -4.41
C VAL A 53 17.09 8.78 -3.82
N GLU A 54 15.96 8.53 -4.47
CA GLU A 54 14.68 9.06 -4.04
C GLU A 54 14.25 8.48 -2.70
N VAL A 55 14.75 9.07 -1.61
CA VAL A 55 14.41 8.62 -0.26
C VAL A 55 13.87 9.79 0.56
N PRO A 56 12.75 10.38 0.13
CA PRO A 56 12.12 11.52 0.80
C PRO A 56 11.09 11.06 1.81
N GLY A 57 11.36 9.93 2.43
CA GLY A 57 10.44 9.37 3.41
C GLY A 57 10.07 7.94 3.07
N CYS A 58 10.97 7.25 2.39
CA CYS A 58 10.75 5.86 1.98
C CYS A 58 10.30 5.01 3.16
N GLY A 59 9.45 4.03 2.87
CA GLY A 59 8.94 3.15 3.92
C GLY A 59 7.44 3.32 4.12
N LYS A 60 6.89 4.34 3.47
CA LYS A 60 5.46 4.62 3.57
C LYS A 60 4.84 4.74 2.18
N ILE A 61 3.99 3.79 1.83
CA ILE A 61 3.34 3.79 0.52
C ILE A 61 1.82 3.76 0.68
N PHE A 62 1.11 4.12 -0.37
CA PHE A 62 -0.35 4.15 -0.32
C PHE A 62 -0.98 3.93 -1.69
N VAL A 63 -2.31 4.04 -1.74
CA VAL A 63 -3.04 3.83 -2.99
C VAL A 63 -4.16 4.84 -3.16
N GLU A 64 -4.35 5.29 -4.39
CA GLU A 64 -5.42 6.24 -4.70
C GLU A 64 -6.65 5.48 -5.16
N PHE A 65 -7.71 5.53 -4.36
CA PHE A 65 -8.95 4.84 -4.66
C PHE A 65 -9.85 5.70 -5.55
N THR A 66 -11.08 5.25 -5.75
CA THR A 66 -12.04 5.97 -6.58
C THR A 66 -13.29 6.35 -5.81
N SER A 67 -13.46 5.76 -4.63
CA SER A 67 -14.63 6.04 -3.80
C SER A 67 -14.37 5.71 -2.33
N VAL A 68 -15.08 6.40 -1.45
CA VAL A 68 -14.93 6.20 -0.01
C VAL A 68 -15.77 5.03 0.49
N PHE A 69 -16.54 4.43 -0.41
CA PHE A 69 -17.38 3.30 -0.04
C PHE A 69 -16.53 2.04 0.02
N ASP A 70 -15.73 1.86 -1.03
CA ASP A 70 -14.84 0.72 -1.13
C ASP A 70 -13.59 0.99 -0.31
N CYS A 71 -13.25 2.28 -0.19
CA CYS A 71 -12.09 2.71 0.58
C CYS A 71 -12.28 2.33 2.04
N GLN A 72 -13.49 2.58 2.56
CA GLN A 72 -13.81 2.28 3.93
C GLN A 72 -13.82 0.76 4.17
N LYS A 73 -14.52 0.05 3.29
CA LYS A 73 -14.60 -1.40 3.39
C LYS A 73 -13.24 -2.05 3.12
N ALA A 74 -12.30 -1.26 2.61
CA ALA A 74 -10.96 -1.75 2.30
C ALA A 74 -10.08 -1.75 3.54
N MET A 75 -9.99 -0.60 4.20
CA MET A 75 -9.17 -0.46 5.40
C MET A 75 -9.68 -1.39 6.51
N GLN A 76 -10.99 -1.60 6.54
CA GLN A 76 -11.60 -2.46 7.54
C GLN A 76 -11.10 -3.90 7.40
N GLY A 77 -10.52 -4.19 6.23
CA GLY A 77 -10.00 -5.52 5.99
C GLY A 77 -8.49 -5.54 5.82
N LEU A 78 -7.89 -4.35 5.81
CA LEU A 78 -6.44 -4.22 5.66
C LEU A 78 -5.79 -3.79 6.98
N THR A 79 -6.63 -3.55 7.99
CA THR A 79 -6.13 -3.13 9.29
C THR A 79 -5.72 -4.32 10.14
N GLY A 80 -4.42 -4.42 10.45
CA GLY A 80 -3.94 -5.52 11.26
C GLY A 80 -3.72 -6.79 10.46
N ARG A 81 -3.38 -6.63 9.19
CA ARG A 81 -3.15 -7.78 8.32
C ARG A 81 -1.70 -7.82 7.87
N LYS A 82 -0.86 -8.46 8.69
CA LYS A 82 0.57 -8.60 8.41
C LYS A 82 0.84 -8.76 6.91
N PHE A 83 1.58 -7.83 6.35
CA PHE A 83 1.92 -7.86 4.92
C PHE A 83 3.05 -8.86 4.67
N ALA A 84 4.00 -8.93 5.61
CA ALA A 84 5.13 -9.83 5.49
C ALA A 84 5.75 -10.10 6.87
N ASN A 85 5.00 -10.81 7.71
CA ASN A 85 5.47 -11.14 9.06
C ASN A 85 5.75 -9.88 9.87
N ARG A 86 5.00 -8.83 9.60
CA ARG A 86 5.15 -7.56 10.30
C ARG A 86 3.82 -6.83 10.40
N VAL A 87 3.53 -6.29 11.59
CA VAL A 87 2.29 -5.56 11.82
C VAL A 87 2.08 -4.48 10.78
N VAL A 88 0.83 -4.31 10.36
CA VAL A 88 0.49 -3.31 9.35
C VAL A 88 -0.35 -2.19 9.94
N VAL A 89 0.08 -0.96 9.73
CA VAL A 89 -0.64 0.21 10.24
C VAL A 89 -1.29 1.00 9.10
N THR A 90 -2.59 0.83 8.96
CA THR A 90 -3.34 1.52 7.90
C THR A 90 -3.98 2.80 8.42
N LYS A 91 -4.11 3.79 7.55
CA LYS A 91 -4.71 5.07 7.92
C LYS A 91 -5.40 5.72 6.72
N TYR A 92 -6.44 6.50 6.99
CA TYR A 92 -7.18 7.19 5.95
C TYR A 92 -6.46 8.47 5.53
N CYS A 93 -6.30 8.65 4.22
CA CYS A 93 -5.62 9.84 3.70
C CYS A 93 -6.46 10.53 2.62
N ASP A 94 -6.42 11.86 2.63
CA ASP A 94 -7.16 12.67 1.68
C ASP A 94 -6.36 12.91 0.40
N PRO A 95 -7.05 12.98 -0.76
CA PRO A 95 -6.41 13.21 -2.06
C PRO A 95 -5.63 14.52 -2.10
N ASP A 96 -5.92 15.41 -1.16
CA ASP A 96 -5.25 16.71 -1.10
C ASP A 96 -3.74 16.54 -0.94
N SER A 97 -3.30 16.31 0.29
CA SER A 97 -1.88 16.13 0.57
C SER A 97 -1.28 15.01 -0.28
N TYR A 98 -2.09 13.99 -0.55
CA TYR A 98 -1.65 12.85 -1.35
C TYR A 98 -1.10 13.34 -2.68
N HIS A 99 -1.88 14.18 -3.36
CA HIS A 99 -1.46 14.74 -4.64
C HIS A 99 -0.20 15.57 -4.47
N ARG A 100 -0.10 16.26 -3.34
CA ARG A 100 1.06 17.08 -3.05
C ARG A 100 2.25 16.20 -2.68
N ARG A 101 1.99 14.91 -2.53
CA ARG A 101 3.02 13.94 -2.17
C ARG A 101 3.65 14.29 -0.82
N ASP A 102 2.95 15.12 -0.05
CA ASP A 102 3.42 15.53 1.26
C ASP A 102 3.36 14.35 2.23
N PHE A 103 2.76 13.25 1.78
CA PHE A 103 2.62 12.05 2.57
C PHE A 103 1.76 12.29 3.80
N TRP A 104 0.53 11.78 3.75
CA TRP A 104 -0.41 11.93 4.86
C TRP A 104 -0.82 13.40 5.03
N PRO B 1 -3.75 -17.59 -12.95
CA PRO B 1 -2.84 -18.13 -11.92
C PRO B 1 -1.81 -17.10 -11.48
N SER B 2 -1.17 -17.36 -10.34
CA SER B 2 -0.16 -16.47 -9.80
C SER B 2 1.20 -16.73 -10.43
N LYS B 3 2.27 -16.36 -9.73
CA LYS B 3 3.63 -16.56 -10.23
C LYS B 3 3.88 -18.04 -10.53
N LYS B 4 3.65 -18.88 -9.53
CA LYS B 4 3.87 -20.32 -9.68
C LYS B 4 3.13 -21.09 -8.60
N ARG B 5 2.96 -20.47 -7.43
CA ARG B 5 2.28 -21.10 -6.31
C ARG B 5 0.93 -20.41 -6.05
N LYS B 6 0.37 -20.69 -4.88
CA LYS B 6 -0.93 -20.10 -4.50
C LYS B 6 -0.76 -18.62 -4.15
N ARG B 7 -1.82 -18.04 -3.58
CA ARG B 7 -1.80 -16.63 -3.20
C ARG B 7 -0.80 -16.38 -2.07
N SER B 8 -0.31 -15.14 -1.97
CA SER B 8 0.64 -14.77 -0.94
C SER B 8 0.25 -13.46 -0.27
N ARG B 9 1.13 -12.94 0.58
CA ARG B 9 0.88 -11.70 1.30
C ARG B 9 -0.33 -11.82 2.22
N TRP B 10 -0.43 -10.91 3.18
CA TRP B 10 -1.53 -10.90 4.14
C TRP B 10 -1.61 -12.23 4.89
N ASN B 11 -0.92 -12.32 6.01
CA ASN B 11 -0.91 -13.53 6.82
C ASN B 11 -1.98 -13.46 7.91
N GLN B 12 -2.01 -14.47 8.77
CA GLN B 12 -2.99 -14.54 9.86
C GLN B 12 -4.41 -14.48 9.32
N ASP B 13 -4.58 -14.90 8.07
CA ASP B 13 -5.90 -14.89 7.45
C ASP B 13 -6.88 -15.74 8.24
#